data_6GB5
#
_entry.id   6GB5
#
_cell.length_a   91.930
_cell.length_b   123.360
_cell.length_c   99.206
_cell.angle_alpha   90.00
_cell.angle_beta   103.73
_cell.angle_gamma   90.00
#
_symmetry.space_group_name_H-M   'I 1 2 1'
#
loop_
_entity.id
_entity.type
_entity.pdbx_description
1 polymer 'H-2 class I histocompatibility antigen, D-B alpha chain'
2 polymer Beta-2-microglobulin
3 polymer PHE-ALA-PRO-GLY-ASN-TYR-PRO
4 polymer GLY-LEU
5 non-polymer 'SULFATE ION'
6 non-polymer GLYCEROL
7 water water
#
loop_
_entity_poly.entity_id
_entity_poly.type
_entity_poly.pdbx_seq_one_letter_code
_entity_poly.pdbx_strand_id
1 'polypeptide(L)'
;GPHSMRYFETAVSRPGLEEPRYISVGYVDNKEFVRFDSDAENPRYEPRAPWMEQEGPEYWERETQKAKGQEQWFRVSLRN
LLGYYNQSAGGSHTLQQMSGCDLGSDWRLLRGYLQFAYEGRDYIALNEDLKTWTAADMAAQITRRKWEQSGAAEHYKAYL
EGECVEWLHRYLKNGNATLLRTDSPKAHVTHHPRSKGEVTLRCWALGFYPADITLTWQLNGEELTQDMELVETRPAGDGT
FQKWASVVVPLGKEQNYTCRVYHEGLPEPLTLRWEPPPSTDSYMVIVAVLGVLGAMAIIGAVVAFVMKRRRNTGGKGGDY
ALAPGSQSSEMSLRDCKA
;
A,C
2 'polypeptide(L)'
;IQKTPQIQVYSRHPPENGKPNILNCYVTQFHPPHIEIQMLKNGKKIPKVEMSDMSFSKDWSFYILAHTEFTPTETDTYAC
RVKHDSMAEPKTVYWDRDM
;
B,D
3 'polypeptide(L)' FAPGNYP E,F
4 'polypeptide(L)' GL G,H
#
# COMPACT_ATOMS: atom_id res chain seq x y z
N GLY A 1 10.81 -2.84 0.81
CA GLY A 1 9.60 -2.32 1.50
C GLY A 1 9.36 -0.83 1.28
N PRO A 2 8.14 -0.33 1.65
CA PRO A 2 7.74 1.08 1.54
C PRO A 2 8.20 1.93 2.72
N HIS A 3 8.38 3.22 2.45
CA HIS A 3 8.98 4.13 3.41
C HIS A 3 8.19 5.42 3.51
N SER A 4 8.44 6.16 4.59
CA SER A 4 7.73 7.41 4.86
C SER A 4 8.56 8.42 5.60
N MET A 5 8.11 9.65 5.60
CA MET A 5 8.70 10.70 6.39
C MET A 5 7.63 11.69 6.85
N ARG A 6 7.67 12.11 8.10
CA ARG A 6 6.71 13.04 8.65
C ARG A 6 7.30 14.05 9.58
N TYR A 7 6.61 15.15 9.75
CA TYR A 7 6.99 16.17 10.67
C TYR A 7 5.76 16.59 11.44
N PHE A 8 5.72 16.30 12.73
CA PHE A 8 4.62 16.67 13.59
C PHE A 8 4.98 17.92 14.38
N GLU A 9 4.22 18.97 14.23
CA GLU A 9 4.49 20.21 14.91
C GLU A 9 3.30 20.59 15.75
N THR A 10 3.57 21.21 16.88
CA THR A 10 2.55 21.57 17.85
C THR A 10 2.91 22.94 18.43
N ALA A 11 1.93 23.79 18.63
CA ALA A 11 2.12 24.95 19.45
C ALA A 11 1.04 25.00 20.50
N VAL A 12 1.45 25.23 21.73
CA VAL A 12 0.54 25.14 22.86
C VAL A 12 0.63 26.43 23.60
N SER A 13 -0.52 26.99 23.93
CA SER A 13 -0.56 28.12 24.80
C SER A 13 -1.34 27.68 26.03
N ARG A 14 -0.98 28.25 27.19
CA ARG A 14 -1.60 27.92 28.50
C ARG A 14 -2.03 29.19 29.24
N PRO A 15 -3.00 29.08 30.16
CA PRO A 15 -3.54 30.29 30.75
C PRO A 15 -2.57 31.04 31.66
N GLY A 16 -1.43 30.44 32.00
CA GLY A 16 -0.37 31.17 32.68
C GLY A 16 0.61 31.88 31.75
N LEU A 17 1.07 31.16 30.73
CA LEU A 17 2.22 31.61 29.94
C LEU A 17 1.91 32.83 29.09
N GLU A 18 2.92 33.63 28.82
CA GLU A 18 2.78 34.75 27.90
C GLU A 18 2.81 34.20 26.48
N GLU A 19 3.82 33.37 26.17
CA GLU A 19 4.09 32.91 24.82
C GLU A 19 3.95 31.40 24.66
N PRO A 20 3.43 30.96 23.51
CA PRO A 20 3.24 29.54 23.30
C PRO A 20 4.55 28.78 23.17
N ARG A 21 4.53 27.50 23.47
CA ARG A 21 5.65 26.63 23.29
C ARG A 21 5.45 25.86 21.97
N TYR A 22 6.51 25.74 21.20
CA TYR A 22 6.47 25.16 19.92
C TYR A 22 7.45 24.02 19.92
N ILE A 23 7.00 22.87 19.39
CA ILE A 23 7.74 21.62 19.36
C ILE A 23 7.54 20.95 18.03
N SER A 24 8.61 20.46 17.43
CA SER A 24 8.53 19.83 16.16
C SER A 24 9.34 18.57 16.19
N VAL A 25 8.79 17.49 15.62
CA VAL A 25 9.41 16.18 15.68
C VAL A 25 9.38 15.57 14.27
N GLY A 26 10.51 15.04 13.84
CA GLY A 26 10.59 14.41 12.55
C GLY A 26 10.66 12.93 12.70
N TYR A 27 10.17 12.20 11.74
CA TYR A 27 10.19 10.77 11.80
C TYR A 27 10.54 10.23 10.45
N VAL A 28 11.16 9.07 10.41
CA VAL A 28 11.46 8.42 9.17
C VAL A 28 11.02 7.03 9.48
N ASP A 29 10.29 6.42 8.57
CA ASP A 29 9.74 5.11 8.76
C ASP A 29 9.18 4.94 10.15
N ASN A 30 8.48 5.97 10.58
CA ASN A 30 7.82 6.01 11.85
C ASN A 30 8.70 5.97 13.07
N LYS A 31 9.96 6.33 12.90
CA LYS A 31 10.86 6.36 14.02
C LYS A 31 11.33 7.77 14.15
N GLU A 32 11.37 8.29 15.36
CA GLU A 32 11.80 9.66 15.55
C GLU A 32 13.27 9.83 15.18
N PHE A 33 13.58 10.92 14.50
CA PHE A 33 14.97 11.15 14.15
C PHE A 33 15.47 12.56 14.34
N VAL A 34 14.60 13.54 14.59
CA VAL A 34 15.01 14.92 14.88
C VAL A 34 13.95 15.60 15.74
N ARG A 35 14.32 16.60 16.54
CA ARG A 35 13.38 17.24 17.44
C ARG A 35 13.84 18.61 17.77
N PHE A 36 12.90 19.53 17.89
CA PHE A 36 13.15 20.90 18.26
C PHE A 36 12.10 21.28 19.29
N ASP A 37 12.45 22.17 20.20
CA ASP A 37 11.61 22.51 21.35
C ASP A 37 12.05 23.88 21.83
N SER A 38 11.12 24.81 21.85
CA SER A 38 11.41 26.20 22.10
C SER A 38 11.69 26.47 23.58
N ASP A 39 11.36 25.52 24.44
CA ASP A 39 11.55 25.63 25.89
C ASP A 39 12.96 25.34 26.35
N ALA A 40 13.68 24.51 25.61
CA ALA A 40 15.12 24.40 25.79
C ALA A 40 15.83 25.80 25.71
N GLU A 41 16.92 25.92 26.46
CA GLU A 41 17.81 27.10 26.39
C GLU A 41 18.78 26.84 25.22
N ASN A 42 18.97 27.87 24.39
CA ASN A 42 19.44 27.67 23.02
C ASN A 42 18.61 26.58 22.26
N PRO A 43 17.35 26.92 21.91
CA PRO A 43 16.49 25.99 21.16
C PRO A 43 17.09 25.56 19.83
N ARG A 44 17.08 24.26 19.54
CA ARG A 44 17.72 23.77 18.35
C ARG A 44 17.20 22.41 17.93
N TYR A 45 17.19 22.16 16.61
CA TYR A 45 16.96 20.82 16.13
C TYR A 45 18.14 19.96 16.52
N GLU A 46 17.89 18.82 17.19
CA GLU A 46 18.92 17.91 17.63
C GLU A 46 18.56 16.47 17.23
N PRO A 47 19.58 15.69 16.85
CA PRO A 47 19.32 14.33 16.41
C PRO A 47 18.82 13.40 17.51
N ARG A 48 18.18 12.33 17.07
CA ARG A 48 17.54 11.33 17.92
C ARG A 48 17.75 9.92 17.37
N ALA A 49 18.64 9.79 16.39
CA ALA A 49 19.07 8.50 15.88
C ALA A 49 20.59 8.51 15.79
N PRO A 50 21.23 7.40 16.19
CA PRO A 50 22.68 7.34 16.04
C PRO A 50 23.09 7.63 14.60
N TRP A 51 22.32 7.11 13.62
CA TRP A 51 22.56 7.37 12.18
C TRP A 51 22.35 8.81 11.66
N MET A 52 21.78 9.70 12.45
CA MET A 52 21.61 11.13 12.03
C MET A 52 22.74 12.07 12.44
N GLU A 53 23.45 11.69 13.51
CA GLU A 53 24.58 12.49 14.02
C GLU A 53 25.64 12.69 12.92
N GLN A 54 25.80 11.67 12.06
CA GLN A 54 26.55 11.77 10.79
C GLN A 54 26.32 13.05 9.98
N GLU A 55 25.18 13.72 10.12
CA GLU A 55 24.90 14.90 9.31
C GLU A 55 25.74 16.12 9.78
N GLY A 56 26.04 17.01 8.83
CA GLY A 56 26.99 18.10 9.03
C GLY A 56 26.47 19.24 9.88
N PRO A 57 27.32 20.20 10.25
CA PRO A 57 26.88 21.35 11.07
C PRO A 57 25.95 22.31 10.36
N GLU A 58 26.06 22.49 9.04
CA GLU A 58 25.23 23.48 8.34
C GLU A 58 23.81 22.93 8.07
N TYR A 59 23.69 21.62 7.89
CA TYR A 59 22.39 20.94 7.98
C TYR A 59 21.62 21.34 9.26
N TRP A 60 22.25 21.20 10.44
CA TRP A 60 21.61 21.55 11.73
C TRP A 60 21.22 23.02 11.86
N GLU A 61 21.97 23.91 11.26
CA GLU A 61 21.66 25.32 11.49
C GLU A 61 20.48 25.65 10.65
N ARG A 62 20.44 25.08 9.44
CA ARG A 62 19.39 25.37 8.46
C ARG A 62 18.00 25.03 9.01
N GLU A 63 17.89 23.77 9.40
CA GLU A 63 16.74 23.26 10.07
C GLU A 63 16.26 24.15 11.22
N THR A 64 17.14 24.43 12.19
CA THR A 64 16.85 25.40 13.28
C THR A 64 16.26 26.73 12.81
N GLN A 65 16.73 27.24 11.70
CA GLN A 65 16.22 28.52 11.20
C GLN A 65 14.79 28.36 10.68
N LYS A 66 14.55 27.23 10.03
CA LYS A 66 13.18 26.87 9.64
C LYS A 66 12.28 26.81 10.90
N ALA A 67 12.76 26.14 11.96
CA ALA A 67 11.94 25.96 13.16
C ALA A 67 11.57 27.28 13.77
N LYS A 68 12.52 28.19 13.77
CA LYS A 68 12.28 29.55 14.28
C LYS A 68 11.20 30.24 13.48
N GLY A 69 11.21 30.02 12.16
CA GLY A 69 10.17 30.59 11.30
C GLY A 69 8.81 29.96 11.57
N GLN A 70 8.80 28.65 11.67
CA GLN A 70 7.56 27.95 12.06
C GLN A 70 6.98 28.48 13.33
N GLU A 71 7.81 28.65 14.35
CA GLU A 71 7.38 29.16 15.65
C GLU A 71 6.60 30.43 15.54
N GLN A 72 7.14 31.41 14.83
CA GLN A 72 6.40 32.64 14.57
C GLN A 72 5.08 32.39 13.79
N TRP A 73 5.15 31.58 12.74
CA TRP A 73 3.96 31.24 11.93
C TRP A 73 2.84 30.68 12.84
N PHE A 74 3.19 29.76 13.73
CA PHE A 74 2.23 29.21 14.69
C PHE A 74 1.68 30.20 15.70
N ARG A 75 2.54 31.09 16.16
CA ARG A 75 2.15 32.11 17.11
C ARG A 75 1.07 33.03 16.55
N VAL A 76 1.26 33.48 15.33
CA VAL A 76 0.26 34.35 14.69
C VAL A 76 -1.04 33.61 14.35
N SER A 77 -0.88 32.36 13.91
CA SER A 77 -2.05 31.49 13.67
C SER A 77 -2.87 31.26 14.93
N LEU A 78 -2.19 30.97 16.03
CA LEU A 78 -2.90 30.83 17.34
C LEU A 78 -3.70 32.08 17.71
N ARG A 79 -3.11 33.25 17.55
CA ARG A 79 -3.82 34.52 17.86
C ARG A 79 -5.03 34.71 16.98
N ASN A 80 -4.88 34.45 15.68
CA ASN A 80 -6.03 34.55 14.79
C ASN A 80 -7.15 33.54 15.11
N LEU A 81 -6.77 32.29 15.42
CA LEU A 81 -7.79 31.28 15.79
C LEU A 81 -8.64 31.71 16.94
N LEU A 82 -8.08 32.39 17.93
CA LEU A 82 -8.91 32.85 19.05
C LEU A 82 -10.03 33.75 18.56
N GLY A 83 -9.73 34.59 17.59
CA GLY A 83 -10.75 35.44 16.99
C GLY A 83 -11.70 34.67 16.11
N TYR A 84 -11.17 33.80 15.24
CA TYR A 84 -12.06 32.99 14.39
C TYR A 84 -13.08 32.22 15.21
N TYR A 85 -12.74 31.79 16.41
CA TYR A 85 -13.68 30.96 17.22
C TYR A 85 -14.27 31.75 18.40
N ASN A 86 -14.04 33.06 18.48
CA ASN A 86 -14.59 33.89 19.58
C ASN A 86 -14.27 33.36 20.96
N GLN A 87 -13.04 32.97 21.16
CA GLN A 87 -12.59 32.41 22.43
C GLN A 87 -11.99 33.54 23.24
N SER A 88 -12.46 33.73 24.45
CA SER A 88 -11.86 34.79 25.25
C SER A 88 -10.53 34.26 25.72
N ALA A 89 -9.55 35.14 25.94
CA ALA A 89 -8.25 34.73 26.52
C ALA A 89 -8.41 34.09 27.92
N GLY A 90 -7.36 33.41 28.38
CA GLY A 90 -7.44 32.63 29.63
C GLY A 90 -7.97 31.22 29.47
N GLY A 91 -7.50 30.51 28.44
CA GLY A 91 -7.70 29.05 28.31
C GLY A 91 -6.44 28.40 27.79
N SER A 92 -6.52 27.09 27.51
CA SER A 92 -5.41 26.41 26.84
C SER A 92 -5.84 26.12 25.41
N HIS A 93 -4.93 26.34 24.48
CA HIS A 93 -5.19 26.10 23.07
C HIS A 93 -4.07 25.38 22.44
N THR A 94 -4.37 24.61 21.38
CA THR A 94 -3.38 23.81 20.69
C THR A 94 -3.58 23.88 19.19
N LEU A 95 -2.49 23.92 18.44
CA LEU A 95 -2.48 23.90 16.99
C LEU A 95 -1.44 22.91 16.56
N GLN A 96 -1.83 21.97 15.70
CA GLN A 96 -0.98 20.89 15.29
C GLN A 96 -0.95 20.80 13.78
N GLN A 97 0.17 20.25 13.28
CA GLN A 97 0.43 20.08 11.89
C GLN A 97 1.12 18.75 11.68
N MET A 98 0.66 18.01 10.66
CA MET A 98 1.37 16.86 10.14
C MET A 98 1.63 17.07 8.67
N SER A 99 2.86 16.79 8.25
CA SER A 99 3.23 16.90 6.85
C SER A 99 4.28 15.87 6.52
N GLY A 100 4.29 15.41 5.29
CA GLY A 100 5.21 14.40 4.90
C GLY A 100 4.93 13.72 3.61
N CYS A 101 5.72 12.70 3.37
CA CYS A 101 5.90 12.10 2.08
C CYS A 101 5.66 10.62 2.35
N ASP A 102 4.97 9.91 1.46
CA ASP A 102 4.91 8.46 1.49
C ASP A 102 5.54 7.93 0.22
N LEU A 103 6.27 6.84 0.31
CA LEU A 103 6.93 6.29 -0.86
C LEU A 103 6.66 4.83 -0.98
N GLY A 104 6.62 4.33 -2.20
CA GLY A 104 6.42 2.90 -2.41
C GLY A 104 7.72 2.14 -2.25
N SER A 105 7.62 0.82 -2.36
CA SER A 105 8.81 -0.02 -2.34
C SER A 105 9.80 0.29 -3.45
N ASP A 106 9.39 1.06 -4.46
CA ASP A 106 10.25 1.58 -5.53
C ASP A 106 10.86 2.95 -5.24
N TRP A 107 10.58 3.49 -4.06
CA TRP A 107 11.11 4.80 -3.66
C TRP A 107 10.49 6.01 -4.36
N ARG A 108 9.39 5.79 -5.09
CA ARG A 108 8.65 6.90 -5.73
C ARG A 108 7.56 7.37 -4.79
N LEU A 109 7.24 8.64 -4.85
CA LEU A 109 6.13 9.20 -4.09
C LEU A 109 4.80 8.50 -4.35
N LEU A 110 4.14 8.05 -3.31
CA LEU A 110 2.77 7.60 -3.39
C LEU A 110 1.80 8.73 -3.08
N ARG A 111 2.06 9.46 -2.01
CA ARG A 111 1.15 10.47 -1.54
C ARG A 111 1.88 11.49 -0.70
N GLY A 112 1.50 12.75 -0.84
CA GLY A 112 1.87 13.80 0.14
C GLY A 112 0.74 14.10 1.13
N TYR A 113 1.10 14.62 2.31
CA TYR A 113 0.17 14.97 3.38
C TYR A 113 0.47 16.34 3.91
N LEU A 114 -0.58 17.05 4.29
CA LEU A 114 -0.49 18.34 4.95
C LEU A 114 -1.88 18.56 5.56
N GLN A 115 -1.92 18.53 6.91
CA GLN A 115 -3.13 18.61 7.70
C GLN A 115 -2.84 19.46 8.93
N PHE A 116 -3.88 20.15 9.37
CA PHE A 116 -3.84 20.98 10.54
C PHE A 116 -4.99 20.66 11.43
N ALA A 117 -4.73 20.78 12.73
CA ALA A 117 -5.74 20.60 13.77
C ALA A 117 -5.71 21.73 14.76
N TYR A 118 -6.89 22.17 15.18
CA TYR A 118 -7.03 23.11 16.24
C TYR A 118 -7.78 22.43 17.37
N GLU A 119 -7.27 22.53 18.60
CA GLU A 119 -7.91 21.93 19.80
C GLU A 119 -8.03 20.39 19.60
N GLY A 120 -7.06 19.81 18.92
CA GLY A 120 -7.10 18.41 18.58
C GLY A 120 -8.16 17.97 17.58
N ARG A 121 -8.74 18.87 16.83
CA ARG A 121 -9.75 18.55 15.83
C ARG A 121 -9.38 19.09 14.45
N ASP A 122 -9.72 18.36 13.41
CA ASP A 122 -9.41 18.74 12.06
C ASP A 122 -9.80 20.17 11.76
N TYR A 123 -8.87 20.94 11.25
CA TYR A 123 -9.14 22.32 10.91
C TYR A 123 -9.12 22.45 9.38
N ILE A 124 -7.98 22.19 8.72
CA ILE A 124 -7.91 22.24 7.28
C ILE A 124 -6.83 21.26 6.82
N ALA A 125 -7.05 20.68 5.66
CA ALA A 125 -6.13 19.71 5.10
C ALA A 125 -6.00 19.88 3.58
N LEU A 126 -4.80 19.61 3.07
CA LEU A 126 -4.53 19.63 1.65
C LEU A 126 -4.97 18.27 1.13
N ASN A 127 -5.77 18.27 0.06
CA ASN A 127 -6.26 17.00 -0.46
C ASN A 127 -5.14 16.27 -1.17
N GLU A 128 -5.40 15.01 -1.46
CA GLU A 128 -4.43 14.14 -2.14
C GLU A 128 -3.95 14.67 -3.51
N ASP A 129 -4.79 15.39 -4.21
CA ASP A 129 -4.36 16.03 -5.43
C ASP A 129 -3.24 17.08 -5.22
N LEU A 130 -3.05 17.56 -4.00
CA LEU A 130 -2.09 18.63 -3.71
C LEU A 130 -2.41 19.95 -4.38
N LYS A 131 -3.69 20.15 -4.66
CA LYS A 131 -4.19 21.40 -5.30
C LYS A 131 -5.30 22.04 -4.54
N THR A 132 -6.15 21.24 -3.90
CA THR A 132 -7.31 21.80 -3.26
C THR A 132 -7.33 21.46 -1.74
N TRP A 133 -8.13 22.23 -1.01
CA TRP A 133 -8.19 22.17 0.39
C TRP A 133 -9.55 21.68 0.83
N THR A 134 -9.54 20.85 1.86
CA THR A 134 -10.72 20.52 2.68
C THR A 134 -10.71 21.25 4.04
N ALA A 135 -11.81 21.90 4.39
CA ALA A 135 -12.02 22.50 5.68
C ALA A 135 -13.48 22.35 6.07
N ALA A 136 -13.73 21.63 7.14
CA ALA A 136 -15.15 21.38 7.55
C ALA A 136 -15.79 22.57 8.28
N ASP A 137 -15.11 23.10 9.29
CA ASP A 137 -15.68 24.08 10.22
C ASP A 137 -16.09 25.41 9.52
N MET A 138 -17.15 26.06 10.00
CA MET A 138 -17.49 27.39 9.51
C MET A 138 -16.32 28.38 9.69
N ALA A 139 -15.79 28.42 10.89
CA ALA A 139 -14.62 29.23 11.15
C ALA A 139 -13.47 28.91 10.22
N ALA A 140 -13.32 27.67 9.81
CA ALA A 140 -12.15 27.35 8.99
C ALA A 140 -12.25 27.82 7.51
N GLN A 141 -13.44 28.26 7.13
CA GLN A 141 -13.65 28.79 5.76
C GLN A 141 -12.87 30.04 5.49
N ILE A 142 -12.61 30.81 6.54
CA ILE A 142 -11.79 32.01 6.45
C ILE A 142 -10.41 31.56 5.91
N THR A 143 -9.82 30.56 6.53
CA THR A 143 -8.55 30.12 6.06
C THR A 143 -8.67 29.53 4.66
N ARG A 144 -9.69 28.72 4.37
CA ARG A 144 -9.79 28.06 3.07
CA ARG A 144 -9.74 28.06 3.09
C ARG A 144 -9.78 29.11 1.95
N ARG A 145 -10.54 30.19 2.12
CA ARG A 145 -10.64 31.27 1.13
C ARG A 145 -9.28 31.95 0.92
N LYS A 146 -8.60 32.37 1.98
CA LYS A 146 -7.29 32.97 1.81
C LYS A 146 -6.42 32.05 0.95
N TRP A 147 -6.27 30.79 1.35
CA TRP A 147 -5.30 29.89 0.73
C TRP A 147 -5.66 29.51 -0.70
N GLU A 148 -6.95 29.49 -0.99
CA GLU A 148 -7.42 29.15 -2.33
C GLU A 148 -6.94 30.19 -3.35
N GLN A 149 -6.96 31.44 -2.91
CA GLN A 149 -6.57 32.59 -3.71
C GLN A 149 -5.08 32.96 -3.69
N SER A 150 -4.18 32.07 -3.29
CA SER A 150 -2.81 32.46 -3.05
C SER A 150 -1.76 31.49 -3.53
N GLY A 151 -2.14 30.34 -4.03
CA GLY A 151 -1.07 29.33 -4.24
C GLY A 151 -0.22 28.94 -3.02
N ALA A 152 -0.86 28.93 -1.85
CA ALA A 152 -0.40 28.07 -0.75
C ALA A 152 -0.26 26.65 -1.24
N ALA A 153 -1.26 26.14 -1.96
CA ALA A 153 -1.16 24.73 -2.38
C ALA A 153 0.11 24.41 -3.20
N GLU A 154 0.42 25.29 -4.16
CA GLU A 154 1.55 25.03 -5.08
C GLU A 154 2.85 25.05 -4.26
N HIS A 155 2.93 25.96 -3.29
CA HIS A 155 4.06 25.92 -2.36
C HIS A 155 4.25 24.52 -1.70
N TYR A 156 3.19 24.00 -1.11
CA TYR A 156 3.31 22.72 -0.39
C TYR A 156 3.50 21.55 -1.32
N LYS A 157 2.83 21.59 -2.46
CA LYS A 157 3.06 20.57 -3.51
C LYS A 157 4.54 20.50 -3.93
N ALA A 158 5.19 21.64 -4.08
CA ALA A 158 6.62 21.60 -4.50
C ALA A 158 7.50 20.91 -3.43
N TYR A 159 7.25 21.24 -2.17
CA TYR A 159 7.94 20.59 -1.05
C TYR A 159 7.67 19.11 -0.98
N LEU A 160 6.41 18.73 -1.06
CA LEU A 160 6.09 17.31 -0.82
C LEU A 160 6.59 16.41 -1.95
N GLU A 161 6.51 16.92 -3.18
CA GLU A 161 7.01 16.18 -4.36
C GLU A 161 8.52 16.30 -4.60
N GLY A 162 9.17 17.28 -3.96
CA GLY A 162 10.57 17.58 -4.19
C GLY A 162 11.45 17.29 -3.02
N GLU A 163 11.68 18.29 -2.15
CA GLU A 163 12.59 18.14 -1.00
C GLU A 163 12.22 16.94 -0.16
N CYS A 164 10.94 16.83 0.24
CA CYS A 164 10.54 15.72 1.10
C CYS A 164 11.05 14.38 0.54
N VAL A 165 10.89 14.21 -0.77
CA VAL A 165 11.29 12.98 -1.41
C VAL A 165 12.81 12.81 -1.43
N GLU A 166 13.52 13.87 -1.85
CA GLU A 166 15.00 13.78 -2.06
C GLU A 166 15.70 13.54 -0.72
N TRP A 167 15.34 14.31 0.30
CA TRP A 167 15.94 14.10 1.62
C TRP A 167 15.58 12.74 2.20
N LEU A 168 14.34 12.28 2.03
CA LEU A 168 13.98 10.95 2.50
C LEU A 168 14.90 9.89 1.84
N HIS A 169 15.18 10.06 0.54
CA HIS A 169 16.13 9.16 -0.12
C HIS A 169 17.50 9.21 0.56
N ARG A 170 17.99 10.42 0.83
N ARG A 170 17.99 10.42 0.83
CA ARG A 170 19.25 10.59 1.55
CA ARG A 170 19.24 10.62 1.55
C ARG A 170 19.24 9.87 2.89
C ARG A 170 19.23 9.88 2.89
N TYR A 171 18.24 10.17 3.71
CA TYR A 171 18.14 9.57 5.02
C TYR A 171 18.05 8.07 4.97
N LEU A 172 17.36 7.54 3.97
CA LEU A 172 17.15 6.08 3.88
C LEU A 172 18.47 5.31 3.63
N LYS A 173 19.32 5.89 2.78
CA LYS A 173 20.62 5.33 2.46
C LYS A 173 21.50 5.32 3.72
N ASN A 174 21.50 6.43 4.46
CA ASN A 174 22.40 6.60 5.59
C ASN A 174 22.11 5.71 6.79
N GLY A 175 20.85 5.63 7.20
CA GLY A 175 20.46 4.82 8.33
C GLY A 175 19.78 3.57 7.86
N ASN A 176 20.43 2.88 6.92
CA ASN A 176 19.82 1.74 6.25
C ASN A 176 19.53 0.54 7.19
N ALA A 177 20.37 0.35 8.21
CA ALA A 177 20.30 -0.85 9.09
C ALA A 177 19.16 -0.84 10.13
N THR A 178 19.00 0.28 10.84
CA THR A 178 17.94 0.43 11.86
C THR A 178 16.53 0.28 11.25
N LEU A 179 16.31 0.93 10.10
CA LEU A 179 14.98 1.18 9.55
C LEU A 179 14.42 -0.03 8.78
N LEU A 180 15.25 -0.66 7.94
CA LEU A 180 14.81 -1.83 7.11
C LEU A 180 14.47 -3.07 7.95
N ARG A 181 15.30 -3.34 8.96
CA ARG A 181 15.12 -4.49 9.85
C ARG A 181 13.75 -4.44 10.57
N THR A 182 12.96 -5.50 10.41
CA THR A 182 11.77 -5.73 11.23
C THR A 182 12.10 -6.80 12.27
N ASP A 183 11.38 -6.79 13.38
CA ASP A 183 11.53 -7.81 14.43
C ASP A 183 10.25 -8.61 14.48
N SER A 184 10.33 -9.89 14.20
CA SER A 184 9.17 -10.74 14.19
C SER A 184 8.70 -10.92 15.60
N PRO A 185 7.41 -11.19 15.78
CA PRO A 185 6.91 -11.43 17.13
C PRO A 185 7.24 -12.81 17.69
N LYS A 186 7.76 -12.83 18.92
CA LYS A 186 7.93 -14.08 19.64
C LYS A 186 6.68 -14.19 20.52
N ALA A 187 5.95 -15.28 20.39
CA ALA A 187 4.67 -15.47 21.08
C ALA A 187 4.66 -16.69 22.00
N HIS A 188 3.76 -16.67 22.96
CA HIS A 188 3.51 -17.79 23.84
C HIS A 188 2.16 -17.60 24.53
N VAL A 189 1.64 -18.69 25.07
CA VAL A 189 0.39 -18.65 25.84
C VAL A 189 0.64 -18.88 27.35
N THR A 190 0.02 -18.05 28.20
CA THR A 190 0.07 -18.21 29.65
C THR A 190 -1.30 -18.65 30.15
N HIS A 191 -1.27 -19.28 31.33
CA HIS A 191 -2.39 -20.01 31.88
C HIS A 191 -2.74 -19.35 33.22
N HIS A 192 -4.02 -19.06 33.44
CA HIS A 192 -4.49 -18.37 34.65
C HIS A 192 -5.87 -18.94 35.10
N PRO A 193 -5.91 -19.78 36.15
CA PRO A 193 -7.20 -20.40 36.53
C PRO A 193 -8.27 -19.43 37.03
N ARG A 194 -9.50 -19.90 36.95
CA ARG A 194 -10.66 -19.13 37.35
C ARG A 194 -11.75 -20.07 37.85
N SER A 195 -12.96 -19.54 38.03
CA SER A 195 -14.11 -20.32 38.51
C SER A 195 -14.13 -21.76 37.98
N GLU A 198 -13.43 -23.00 34.83
CA GLU A 198 -13.05 -21.95 33.88
C GLU A 198 -11.60 -21.46 34.03
N VAL A 199 -10.90 -21.33 32.91
CA VAL A 199 -9.49 -20.89 32.87
C VAL A 199 -9.28 -19.75 31.85
N THR A 200 -8.33 -18.87 32.16
CA THR A 200 -7.97 -17.73 31.31
C THR A 200 -6.68 -18.03 30.54
N LEU A 201 -6.82 -18.14 29.22
CA LEU A 201 -5.67 -18.26 28.31
C LEU A 201 -5.31 -16.87 27.83
N ARG A 202 -4.06 -16.47 28.05
CA ARG A 202 -3.56 -15.19 27.56
C ARG A 202 -2.43 -15.43 26.56
N CYS A 203 -2.69 -15.00 25.31
CA CYS A 203 -1.72 -15.09 24.23
C CYS A 203 -0.90 -13.82 24.17
N TRP A 204 0.42 -14.00 24.23
CA TRP A 204 1.37 -12.90 24.30
C TRP A 204 2.13 -12.82 23.02
N ALA A 205 2.41 -11.59 22.60
CA ALA A 205 3.31 -11.33 21.55
C ALA A 205 4.25 -10.29 22.05
N LEU A 206 5.53 -10.49 21.78
CA LEU A 206 6.59 -9.70 22.39
C LEU A 206 7.68 -9.56 21.39
N GLY A 207 8.51 -8.56 21.59
CA GLY A 207 9.67 -8.30 20.81
C GLY A 207 9.42 -8.10 19.33
N PHE A 208 8.34 -7.41 18.97
CA PHE A 208 8.04 -7.17 17.55
C PHE A 208 8.20 -5.73 17.18
N TYR A 209 8.54 -5.53 15.91
CA TYR A 209 8.60 -4.20 15.33
C TYR A 209 8.35 -4.31 13.82
N PRO A 210 7.53 -3.40 13.24
CA PRO A 210 6.86 -2.24 13.83
C PRO A 210 5.61 -2.64 14.56
N ALA A 211 4.91 -1.66 15.10
CA ALA A 211 3.86 -1.91 16.05
C ALA A 211 2.59 -2.62 15.57
N ASP A 212 2.29 -2.56 14.29
CA ASP A 212 1.04 -3.12 13.79
C ASP A 212 1.04 -4.63 13.91
N ILE A 213 0.00 -5.18 14.49
CA ILE A 213 -0.03 -6.61 14.74
C ILE A 213 -1.45 -6.97 14.91
N THR A 214 -1.79 -8.22 14.78
CA THR A 214 -3.16 -8.69 15.03
C THR A 214 -3.11 -10.04 15.75
N LEU A 215 -3.89 -10.17 16.80
CA LEU A 215 -3.99 -11.40 17.54
C LEU A 215 -5.41 -11.88 17.47
N THR A 216 -5.58 -13.16 17.16
CA THR A 216 -6.91 -13.76 17.24
C THR A 216 -6.90 -15.07 18.00
N TRP A 217 -8.07 -15.47 18.46
CA TRP A 217 -8.27 -16.75 19.11
C TRP A 217 -9.29 -17.53 18.28
N GLN A 218 -9.07 -18.83 18.12
CA GLN A 218 -10.00 -19.67 17.34
C GLN A 218 -10.40 -20.94 18.07
N LEU A 219 -11.66 -21.32 17.86
CA LEU A 219 -12.25 -22.55 18.39
C LEU A 219 -13.02 -23.29 17.28
N ASN A 220 -12.43 -24.40 16.80
CA ASN A 220 -12.96 -25.17 15.67
C ASN A 220 -13.13 -24.31 14.41
N GLY A 221 -12.14 -23.45 14.14
CA GLY A 221 -12.09 -22.61 12.94
C GLY A 221 -12.93 -21.33 12.94
N GLU A 222 -13.34 -20.85 14.11
CA GLU A 222 -14.14 -19.61 14.21
C GLU A 222 -13.50 -18.59 15.14
N GLU A 223 -13.06 -17.46 14.58
CA GLU A 223 -12.45 -16.40 15.38
C GLU A 223 -13.48 -15.87 16.35
N LEU A 224 -13.15 -15.88 17.64
CA LEU A 224 -14.12 -15.56 18.69
C LEU A 224 -14.23 -14.04 18.88
N THR A 225 -15.28 -13.44 18.28
CA THR A 225 -15.52 -11.98 18.29
C THR A 225 -15.67 -11.41 19.72
N GLN A 226 -16.86 -11.51 20.32
CA GLN A 226 -17.07 -11.03 21.70
C GLN A 226 -16.63 -12.11 22.70
N ASP A 227 -16.35 -11.69 23.93
CA ASP A 227 -15.77 -12.56 24.97
C ASP A 227 -14.26 -12.80 24.80
N MET A 228 -13.58 -11.93 24.04
CA MET A 228 -12.11 -11.89 23.99
C MET A 228 -11.62 -10.53 24.52
N GLU A 229 -10.76 -10.57 25.53
CA GLU A 229 -10.10 -9.36 26.02
C GLU A 229 -8.75 -9.14 25.36
N LEU A 230 -8.32 -7.89 25.34
CA LEU A 230 -7.01 -7.51 24.80
C LEU A 230 -6.52 -6.16 25.38
N VAL A 231 -5.27 -5.82 25.10
CA VAL A 231 -4.77 -4.49 25.44
C VAL A 231 -4.32 -3.82 24.18
N GLU A 232 -4.30 -2.50 24.23
CA GLU A 232 -3.71 -1.75 23.18
C GLU A 232 -2.24 -2.12 23.11
N THR A 233 -1.70 -2.11 21.90
CA THR A 233 -0.34 -2.35 21.65
C THR A 233 0.47 -1.29 22.35
N ARG A 234 1.58 -1.69 22.95
CA ARG A 234 2.31 -0.82 23.90
C ARG A 234 3.80 -1.04 23.76
N PRO A 235 4.56 0.04 23.96
CA PRO A 235 6.01 -0.07 23.81
C PRO A 235 6.67 -0.73 25.05
N ALA A 236 7.54 -1.72 24.80
CA ALA A 236 8.40 -2.29 25.84
C ALA A 236 9.40 -1.27 26.35
N GLY A 237 9.75 -0.29 25.52
CA GLY A 237 10.70 0.77 25.89
C GLY A 237 12.09 0.52 25.33
N ASP A 238 12.29 -0.62 24.69
CA ASP A 238 13.54 -0.97 24.05
C ASP A 238 13.45 -0.88 22.52
N GLY A 239 12.40 -0.25 21.99
CA GLY A 239 12.17 -0.18 20.56
C GLY A 239 11.26 -1.27 20.00
N THR A 240 10.94 -2.31 20.79
CA THR A 240 9.92 -3.31 20.44
C THR A 240 8.58 -3.00 21.17
N PHE A 241 7.57 -3.80 20.89
CA PHE A 241 6.27 -3.55 21.39
C PHE A 241 5.70 -4.85 21.90
N GLN A 242 4.58 -4.72 22.61
CA GLN A 242 3.90 -5.88 23.18
C GLN A 242 2.43 -5.83 22.91
N LYS A 243 1.79 -6.96 23.05
CA LYS A 243 0.36 -7.02 23.02
C LYS A 243 0.02 -8.35 23.54
N TRP A 244 -1.20 -8.48 24.05
CA TRP A 244 -1.75 -9.78 24.38
C TRP A 244 -3.23 -9.81 24.15
N ALA A 245 -3.73 -11.03 24.06
CA ALA A 245 -5.16 -11.27 23.89
C ALA A 245 -5.51 -12.48 24.73
N SER A 246 -6.53 -12.35 25.56
CA SER A 246 -6.96 -13.44 26.42
C SER A 246 -8.39 -13.89 26.10
N VAL A 247 -8.61 -15.19 26.30
CA VAL A 247 -9.95 -15.78 26.28
C VAL A 247 -10.13 -16.58 27.58
N VAL A 248 -11.38 -16.70 28.01
CA VAL A 248 -11.75 -17.53 29.13
C VAL A 248 -12.45 -18.78 28.61
N VAL A 249 -11.88 -19.94 28.94
CA VAL A 249 -12.31 -21.24 28.43
C VAL A 249 -12.44 -22.25 29.59
N PRO A 250 -13.30 -23.30 29.45
CA PRO A 250 -13.33 -24.29 30.54
C PRO A 250 -11.99 -25.05 30.65
N LEU A 251 -11.50 -25.28 31.89
CA LEU A 251 -10.30 -26.11 32.11
C LEU A 251 -10.64 -27.53 31.66
N GLY A 252 -9.83 -28.07 30.75
CA GLY A 252 -10.11 -29.36 30.13
C GLY A 252 -10.58 -29.20 28.69
N LYS A 253 -11.19 -28.05 28.36
CA LYS A 253 -11.37 -27.66 26.95
C LYS A 253 -10.18 -26.82 26.43
N GLU A 254 -9.12 -26.69 27.24
CA GLU A 254 -7.81 -26.17 26.77
C GLU A 254 -7.27 -27.10 25.68
N GLN A 255 -6.45 -26.55 24.78
CA GLN A 255 -5.91 -27.28 23.60
C GLN A 255 -6.90 -27.44 22.44
N ASN A 256 -8.17 -27.12 22.63
CA ASN A 256 -9.08 -26.90 21.50
C ASN A 256 -9.04 -25.47 20.99
N TYR A 257 -8.21 -24.63 21.63
CA TYR A 257 -8.08 -23.22 21.31
C TYR A 257 -6.69 -22.88 20.75
N THR A 258 -6.72 -22.07 19.69
CA THR A 258 -5.51 -21.61 19.00
C THR A 258 -5.49 -20.10 18.79
N CYS A 259 -4.32 -19.57 19.06
CA CYS A 259 -4.08 -18.16 18.98
C CYS A 259 -3.29 -17.96 17.72
N ARG A 260 -3.61 -16.91 16.98
CA ARG A 260 -2.90 -16.57 15.73
C ARG A 260 -2.30 -15.17 15.76
N VAL A 261 -1.06 -15.04 15.34
CA VAL A 261 -0.35 -13.78 15.35
C VAL A 261 -0.02 -13.45 13.92
N TYR A 262 -0.45 -12.25 13.48
CA TYR A 262 -0.19 -11.76 12.11
C TYR A 262 0.67 -10.54 12.20
N HIS A 263 1.81 -10.56 11.53
CA HIS A 263 2.75 -9.43 11.60
C HIS A 263 3.57 -9.46 10.34
N GLU A 264 3.97 -8.29 9.89
CA GLU A 264 4.66 -8.18 8.61
C GLU A 264 6.04 -8.80 8.56
N GLY A 265 6.61 -9.09 9.71
CA GLY A 265 7.92 -9.67 9.84
C GLY A 265 7.86 -11.17 9.73
N LEU A 266 6.69 -11.75 9.99
CA LEU A 266 6.58 -13.18 9.87
C LEU A 266 6.63 -13.60 8.41
N PRO A 267 7.25 -14.77 8.14
CA PRO A 267 7.10 -15.37 6.83
C PRO A 267 5.67 -15.85 6.65
N GLU A 268 5.01 -16.23 7.74
CA GLU A 268 3.60 -16.53 7.70
C GLU A 268 3.05 -16.39 9.11
N PRO A 269 1.72 -16.29 9.24
CA PRO A 269 1.09 -16.25 10.55
C PRO A 269 1.52 -17.37 11.52
N LEU A 270 1.66 -17.05 12.80
CA LEU A 270 2.02 -18.03 13.82
C LEU A 270 0.73 -18.56 14.35
N THR A 271 0.74 -19.86 14.66
CA THR A 271 -0.36 -20.55 15.32
C THR A 271 0.20 -21.13 16.61
N LEU A 272 -0.53 -20.99 17.71
CA LEU A 272 -0.11 -21.44 19.04
C LEU A 272 -1.26 -22.02 19.83
N ARG A 273 -0.94 -22.95 20.73
CA ARG A 273 -1.90 -23.54 21.67
C ARG A 273 -1.27 -23.49 23.07
N TRP A 274 -2.09 -23.72 24.09
CA TRP A 274 -1.57 -23.87 25.47
C TRP A 274 -0.63 -25.07 25.60
N GLU A 275 0.60 -24.86 26.08
CA GLU A 275 1.60 -25.93 26.25
C GLU A 275 2.15 -26.14 27.69
N PRO A 276 1.83 -27.30 28.33
CA PRO A 276 2.34 -27.54 29.72
C PRO A 276 3.87 -27.56 29.91
N ILE B 1 -13.63 18.26 23.53
CA ILE B 1 -12.21 18.77 23.37
C ILE B 1 -11.21 18.14 24.33
N GLN B 2 -11.53 18.13 25.62
CA GLN B 2 -10.79 17.27 26.58
C GLN B 2 -10.92 15.77 26.26
N LYS B 3 -9.79 15.07 26.14
CA LYS B 3 -9.77 13.64 25.99
C LYS B 3 -9.05 12.99 27.15
N THR B 4 -9.64 11.94 27.74
CA THR B 4 -9.15 11.44 29.02
C THR B 4 -8.11 10.39 28.75
N PRO B 5 -6.97 10.50 29.42
CA PRO B 5 -5.89 9.54 29.17
C PRO B 5 -6.22 8.11 29.51
N GLN B 6 -5.79 7.22 28.62
CA GLN B 6 -5.79 5.81 28.85
C GLN B 6 -4.44 5.42 29.41
N ILE B 7 -4.47 4.60 30.46
CA ILE B 7 -3.24 4.25 31.21
C ILE B 7 -3.00 2.73 31.24
N GLN B 8 -1.80 2.31 30.93
CA GLN B 8 -1.38 0.93 31.20
C GLN B 8 -0.12 0.95 31.99
N VAL B 9 -0.06 0.03 32.97
CA VAL B 9 1.09 -0.12 33.84
C VAL B 9 1.56 -1.56 33.70
N TYR B 10 2.83 -1.77 33.34
CA TYR B 10 3.33 -3.11 32.98
C TYR B 10 4.84 -3.04 32.90
N SER B 11 5.48 -4.21 32.91
CA SER B 11 6.94 -4.29 32.93
C SER B 11 7.49 -4.61 31.56
N ARG B 12 8.74 -4.15 31.34
CA ARG B 12 9.45 -4.44 30.10
C ARG B 12 9.64 -5.93 29.93
N HIS B 13 10.19 -6.60 30.95
CA HIS B 13 10.41 -8.06 30.86
C HIS B 13 9.40 -8.80 31.71
N PRO B 14 9.14 -10.10 31.40
CA PRO B 14 8.27 -10.92 32.24
C PRO B 14 8.77 -10.91 33.68
N PRO B 15 7.87 -10.60 34.61
CA PRO B 15 8.33 -10.23 35.91
C PRO B 15 8.76 -11.46 36.68
N GLU B 16 9.89 -11.34 37.36
CA GLU B 16 10.31 -12.35 38.36
C GLU B 16 10.84 -11.66 39.61
N ASN B 17 10.39 -12.14 40.76
CA ASN B 17 10.78 -11.51 42.00
C ASN B 17 12.29 -11.59 42.27
N GLY B 18 12.81 -10.51 42.83
CA GLY B 18 14.22 -10.32 43.01
C GLY B 18 15.02 -9.95 41.76
N LYS B 19 14.44 -10.00 40.55
CA LYS B 19 15.23 -9.68 39.34
C LYS B 19 15.01 -8.29 38.85
N PRO B 20 16.11 -7.53 38.58
CA PRO B 20 15.95 -6.16 38.04
C PRO B 20 15.11 -6.09 36.74
N ASN B 21 14.40 -4.98 36.55
CA ASN B 21 13.44 -4.89 35.46
C ASN B 21 13.10 -3.43 35.33
N ILE B 22 12.26 -3.11 34.35
CA ILE B 22 11.79 -1.74 34.12
C ILE B 22 10.29 -1.78 34.23
N LEU B 23 9.74 -0.81 34.92
CA LEU B 23 8.30 -0.68 35.03
C LEU B 23 7.88 0.50 34.19
N ASN B 24 6.91 0.24 33.31
CA ASN B 24 6.40 1.27 32.37
C ASN B 24 5.02 1.74 32.71
N CYS B 25 4.79 3.03 32.51
CA CYS B 25 3.44 3.65 32.59
C CYS B 25 3.15 4.31 31.23
N TYR B 26 2.30 3.70 30.43
CA TYR B 26 2.03 4.19 29.07
C TYR B 26 0.71 4.93 29.09
N VAL B 27 0.76 6.23 28.82
CA VAL B 27 -0.43 7.09 28.85
C VAL B 27 -0.72 7.64 27.44
N THR B 28 -1.94 7.44 26.96
CA THR B 28 -2.26 7.67 25.53
C THR B 28 -3.61 8.35 25.39
N GLN B 29 -3.90 8.75 24.17
CA GLN B 29 -5.22 9.26 23.81
C GLN B 29 -5.69 10.43 24.66
N PHE B 30 -4.78 11.33 25.04
CA PHE B 30 -5.22 12.49 25.85
C PHE B 30 -5.02 13.84 25.12
N HIS B 31 -5.75 14.84 25.61
CA HIS B 31 -5.72 16.21 25.10
C HIS B 31 -6.32 17.08 26.14
N PRO B 32 -5.67 18.22 26.46
CA PRO B 32 -4.44 18.81 25.90
C PRO B 32 -3.17 18.12 26.40
N PRO B 33 -1.99 18.45 25.81
CA PRO B 33 -0.76 17.72 26.08
C PRO B 33 -0.21 17.81 27.52
N HIS B 34 -0.58 18.85 28.24
CA HIS B 34 -0.14 19.04 29.61
C HIS B 34 -0.68 17.94 30.55
N ILE B 35 0.25 17.24 31.17
CA ILE B 35 -0.05 16.10 32.01
C ILE B 35 1.08 15.90 33.03
N GLU B 36 0.71 15.49 34.24
CA GLU B 36 1.68 15.11 35.27
C GLU B 36 1.52 13.63 35.62
N ILE B 37 2.63 12.92 35.51
CA ILE B 37 2.70 11.51 35.71
C ILE B 37 3.70 11.21 36.83
N GLN B 38 3.30 10.41 37.81
CA GLN B 38 4.19 9.95 38.91
C GLN B 38 4.07 8.45 39.04
N MET B 39 5.19 7.81 39.25
CA MET B 39 5.22 6.41 39.56
C MET B 39 5.45 6.22 41.04
N LEU B 40 4.69 5.28 41.62
CA LEU B 40 4.61 5.08 43.06
C LEU B 40 4.99 3.65 43.49
N LYS B 41 5.72 3.52 44.62
CA LYS B 41 6.07 2.23 45.26
C LYS B 41 5.48 2.22 46.65
N ASN B 42 4.61 1.27 46.92
CA ASN B 42 3.80 1.25 48.15
C ASN B 42 3.26 2.63 48.54
N GLY B 43 2.60 3.27 47.58
CA GLY B 43 1.97 4.56 47.82
C GLY B 43 2.91 5.74 47.80
N LYS B 44 4.22 5.52 47.63
CA LYS B 44 5.19 6.60 47.75
C LYS B 44 5.93 6.88 46.46
N LYS B 45 6.20 8.14 46.23
CA LYS B 45 6.65 8.62 44.93
C LYS B 45 8.02 8.11 44.68
N ILE B 46 8.29 7.63 43.47
CA ILE B 46 9.63 7.15 43.11
C ILE B 46 10.45 8.33 42.57
N PRO B 47 11.69 8.48 43.05
CA PRO B 47 12.49 9.65 42.66
C PRO B 47 12.93 9.77 41.20
N LYS B 48 13.63 8.77 40.66
CA LYS B 48 14.25 8.90 39.31
C LYS B 48 13.32 8.25 38.27
N VAL B 49 12.37 9.07 37.76
CA VAL B 49 11.37 8.62 36.75
C VAL B 49 11.67 9.27 35.37
N GLU B 50 11.97 8.44 34.38
CA GLU B 50 12.28 8.93 33.06
C GLU B 50 11.02 9.10 32.19
N MET B 51 10.80 10.30 31.67
CA MET B 51 9.64 10.66 30.85
C MET B 51 10.04 10.82 29.40
N SER B 52 9.39 10.11 28.50
CA SER B 52 9.51 10.38 27.10
C SER B 52 9.07 11.83 26.79
N ASP B 53 9.52 12.37 25.67
CA ASP B 53 9.12 13.73 25.26
C ASP B 53 7.76 13.76 24.54
N MET B 54 7.11 14.93 24.58
CA MET B 54 5.82 15.20 23.92
C MET B 54 5.77 14.63 22.50
N SER B 55 4.73 13.87 22.23
CA SER B 55 4.50 13.23 20.96
C SER B 55 3.04 13.04 20.71
N PHE B 56 2.61 13.12 19.46
CA PHE B 56 1.22 12.90 19.13
C PHE B 56 1.00 11.92 18.00
N SER B 57 -0.18 11.36 17.92
CA SER B 57 -0.51 10.37 16.92
C SER B 57 -1.25 10.89 15.72
N LYS B 58 -1.42 10.04 14.74
CA LYS B 58 -2.12 10.38 13.51
C LYS B 58 -3.53 10.90 13.77
N ASP B 59 -4.17 10.49 14.86
CA ASP B 59 -5.51 10.97 15.26
C ASP B 59 -5.47 12.22 16.11
N TRP B 60 -4.28 12.80 16.26
CA TRP B 60 -4.01 14.08 16.97
C TRP B 60 -3.87 13.99 18.50
N SER B 61 -4.23 12.87 19.09
CA SER B 61 -4.09 12.73 20.55
C SER B 61 -2.65 12.46 20.98
N PHE B 62 -2.31 12.96 22.15
CA PHE B 62 -0.98 12.81 22.69
C PHE B 62 -0.73 11.50 23.45
N TYR B 63 0.53 11.16 23.63
CA TYR B 63 0.94 9.98 24.35
C TYR B 63 2.30 10.15 25.02
N ILE B 64 2.50 9.45 26.12
CA ILE B 64 3.74 9.49 26.86
C ILE B 64 4.11 8.15 27.46
N LEU B 65 5.39 7.85 27.48
CA LEU B 65 5.88 6.65 28.14
C LEU B 65 6.75 7.08 29.31
N ALA B 66 6.32 6.69 30.52
CA ALA B 66 7.12 6.90 31.75
C ALA B 66 7.66 5.55 32.22
N HIS B 67 8.94 5.52 32.57
CA HIS B 67 9.54 4.32 33.12
C HIS B 67 10.61 4.55 34.18
N THR B 68 10.88 3.46 34.90
CA THR B 68 11.76 3.48 36.06
C THR B 68 12.29 2.08 36.34
N GLU B 69 13.51 2.04 36.85
CA GLU B 69 14.12 0.77 37.24
C GLU B 69 13.43 0.31 38.52
N PHE B 70 13.22 -0.98 38.59
CA PHE B 70 12.57 -1.56 39.73
C PHE B 70 12.94 -3.02 39.79
N THR B 71 12.84 -3.56 41.02
CA THR B 71 12.99 -4.98 41.28
C THR B 71 11.71 -5.47 41.96
N PRO B 72 10.86 -6.19 41.23
CA PRO B 72 9.64 -6.63 41.87
C PRO B 72 9.92 -7.58 43.03
N THR B 73 9.11 -7.45 44.08
CA THR B 73 8.99 -8.47 45.15
C THR B 73 7.56 -9.00 45.21
N GLU B 74 7.32 -9.98 46.06
CA GLU B 74 5.98 -10.53 46.21
C GLU B 74 4.99 -9.49 46.69
N THR B 75 5.41 -8.57 47.55
CA THR B 75 4.49 -7.70 48.28
C THR B 75 4.63 -6.21 48.01
N ASP B 76 5.67 -5.77 47.30
CA ASP B 76 5.75 -4.36 46.90
C ASP B 76 4.67 -4.04 45.85
N THR B 77 3.86 -3.02 46.10
CA THR B 77 2.88 -2.62 45.10
C THR B 77 3.42 -1.42 44.34
N TYR B 78 3.09 -1.38 43.07
CA TYR B 78 3.53 -0.31 42.20
C TYR B 78 2.32 0.25 41.51
N ALA B 79 2.39 1.55 41.25
CA ALA B 79 1.29 2.26 40.62
C ALA B 79 1.75 3.49 39.86
N CYS B 80 0.87 3.91 38.96
CA CYS B 80 1.08 5.10 38.21
C CYS B 80 -0.02 6.09 38.60
N ARG B 81 0.35 7.33 38.87
CA ARG B 81 -0.61 8.38 39.22
C ARG B 81 -0.56 9.51 38.16
N VAL B 82 -1.71 9.79 37.54
CA VAL B 82 -1.76 10.66 36.38
C VAL B 82 -2.68 11.83 36.69
N LYS B 83 -2.16 13.04 36.66
CA LYS B 83 -2.99 14.23 36.76
C LYS B 83 -3.16 14.88 35.37
N HIS B 84 -4.40 15.17 34.98
CA HIS B 84 -4.74 15.79 33.72
C HIS B 84 -6.07 16.58 33.87
N ASP B 85 -6.17 17.70 33.12
CA ASP B 85 -7.33 18.61 33.06
C ASP B 85 -8.68 17.90 32.85
N SER B 86 -8.71 16.81 32.09
CA SER B 86 -9.94 16.04 31.88
C SER B 86 -10.48 15.36 33.10
N MET B 87 -9.72 15.31 34.19
CA MET B 87 -10.16 14.61 35.35
C MET B 87 -10.10 15.50 36.56
N ALA B 88 -11.17 15.40 37.35
CA ALA B 88 -11.34 16.21 38.57
C ALA B 88 -10.22 15.91 39.58
N GLU B 89 -9.90 14.61 39.74
CA GLU B 89 -8.85 14.13 40.63
C GLU B 89 -7.81 13.29 39.91
N PRO B 90 -6.59 13.19 40.48
CA PRO B 90 -5.61 12.31 39.90
C PRO B 90 -6.08 10.87 39.91
N LYS B 91 -5.70 10.12 38.88
CA LYS B 91 -6.07 8.72 38.73
C LYS B 91 -4.86 7.80 38.95
N THR B 92 -5.07 6.81 39.81
CA THR B 92 -4.03 5.86 40.21
C THR B 92 -4.37 4.51 39.62
N VAL B 93 -3.47 3.97 38.81
CA VAL B 93 -3.61 2.65 38.22
C VAL B 93 -2.53 1.71 38.77
N TYR B 94 -2.94 0.57 39.31
CA TYR B 94 -2.06 -0.37 40.00
C TYR B 94 -1.45 -1.36 39.06
N TRP B 95 -0.19 -1.70 39.30
CA TRP B 95 0.49 -2.70 38.46
C TRP B 95 -0.06 -4.09 38.73
N ASP B 96 -0.53 -4.74 37.68
CA ASP B 96 -1.00 -6.10 37.76
C ASP B 96 -0.09 -6.94 36.89
N ARG B 97 0.78 -7.69 37.54
CA ARG B 97 1.88 -8.41 36.93
C ARG B 97 1.51 -9.51 35.93
N ASP B 98 0.28 -10.00 35.99
CA ASP B 98 -0.28 -10.96 35.02
C ASP B 98 -0.74 -10.33 33.70
N MET B 99 -0.39 -9.08 33.43
CA MET B 99 -0.85 -8.41 32.22
C MET B 99 -0.09 -7.14 31.86
N GLY C 1 6.04 -8.95 2.06
CA GLY C 1 5.32 -8.01 1.14
C GLY C 1 3.88 -8.41 0.91
N PRO C 2 3.13 -7.56 0.20
CA PRO C 2 1.71 -7.80 -0.04
C PRO C 2 1.43 -8.80 -1.15
N HIS C 3 0.24 -9.38 -1.12
CA HIS C 3 -0.16 -10.51 -1.96
C HIS C 3 -1.58 -10.34 -2.48
N SER C 4 -1.94 -11.10 -3.50
CA SER C 4 -3.24 -11.00 -4.05
C SER C 4 -3.62 -12.21 -4.83
N MET C 5 -4.90 -12.37 -5.09
CA MET C 5 -5.43 -13.42 -5.91
C MET C 5 -6.55 -12.84 -6.75
N ARG C 6 -6.64 -13.26 -8.00
CA ARG C 6 -7.67 -12.78 -8.87
C ARG C 6 -8.16 -13.80 -9.83
N TYR C 7 -9.42 -13.73 -10.18
CA TYR C 7 -10.01 -14.57 -11.18
C TYR C 7 -10.66 -13.64 -12.21
N PHE C 8 -10.21 -13.72 -13.44
CA PHE C 8 -10.72 -12.94 -14.52
C PHE C 8 -11.55 -13.85 -15.41
N GLU C 9 -12.82 -13.59 -15.51
CA GLU C 9 -13.69 -14.39 -16.30
C GLU C 9 -14.30 -13.64 -17.45
N THR C 10 -14.43 -14.30 -18.58
CA THR C 10 -14.95 -13.73 -19.81
C THR C 10 -15.88 -14.72 -20.48
N ALA C 11 -17.03 -14.27 -20.94
CA ALA C 11 -17.77 -14.96 -21.92
C ALA C 11 -18.00 -14.06 -23.11
N VAL C 12 -17.99 -14.68 -24.29
CA VAL C 12 -18.13 -13.99 -25.54
C VAL C 12 -19.13 -14.67 -26.43
N SER C 13 -20.09 -13.91 -26.94
CA SER C 13 -21.06 -14.44 -27.84
C SER C 13 -20.75 -13.86 -29.19
N ARG C 14 -21.08 -14.62 -30.24
CA ARG C 14 -20.88 -14.19 -31.66
C ARG C 14 -22.05 -14.67 -32.51
N PRO C 15 -22.29 -13.98 -33.66
CA PRO C 15 -23.44 -14.38 -34.50
C PRO C 15 -23.28 -15.81 -35.07
N GLY C 16 -22.06 -16.13 -35.52
CA GLY C 16 -21.73 -17.44 -36.10
C GLY C 16 -22.00 -18.61 -35.17
N LEU C 17 -21.39 -18.57 -33.98
CA LEU C 17 -21.47 -19.68 -33.02
C LEU C 17 -22.76 -19.59 -32.20
N GLU C 18 -23.34 -20.75 -31.89
CA GLU C 18 -24.61 -20.78 -31.17
C GLU C 18 -24.44 -20.73 -29.65
N GLU C 19 -23.26 -21.05 -29.14
CA GLU C 19 -23.00 -21.04 -27.69
C GLU C 19 -21.83 -20.14 -27.36
N PRO C 20 -21.91 -19.36 -26.25
CA PRO C 20 -20.80 -18.48 -25.93
C PRO C 20 -19.56 -19.25 -25.48
N ARG C 21 -18.40 -18.71 -25.81
CA ARG C 21 -17.16 -19.23 -25.29
C ARG C 21 -16.86 -18.56 -23.91
N TYR C 22 -16.40 -19.38 -22.96
CA TYR C 22 -16.18 -18.99 -21.60
C TYR C 22 -14.76 -19.32 -21.24
N ILE C 23 -14.08 -18.34 -20.66
CA ILE C 23 -12.69 -18.48 -20.27
C ILE C 23 -12.47 -17.92 -18.86
N SER C 24 -11.76 -18.64 -18.01
CA SER C 24 -11.45 -18.17 -16.71
C SER C 24 -10.00 -18.29 -16.48
N VAL C 25 -9.39 -17.26 -15.92
CA VAL C 25 -7.99 -17.28 -15.59
C VAL C 25 -7.80 -16.87 -14.13
N GLY C 26 -6.97 -17.59 -13.43
CA GLY C 26 -6.67 -17.31 -12.06
C GLY C 26 -5.29 -16.77 -11.94
N TYR C 27 -5.10 -15.89 -10.99
CA TYR C 27 -3.82 -15.31 -10.76
C TYR C 27 -3.51 -15.24 -9.30
N VAL C 28 -2.25 -15.44 -8.98
CA VAL C 28 -1.75 -15.30 -7.64
C VAL C 28 -0.62 -14.33 -7.85
N ASP C 29 -0.62 -13.29 -7.05
CA ASP C 29 0.36 -12.25 -7.15
C ASP C 29 0.58 -11.79 -8.56
N ASN C 30 -0.48 -11.66 -9.32
CA ASN C 30 -0.46 -11.20 -10.71
C ASN C 30 0.15 -12.15 -11.70
N LYS C 31 0.34 -13.40 -11.33
CA LYS C 31 0.90 -14.38 -12.24
C LYS C 31 -0.12 -15.43 -12.44
N GLU C 32 -0.40 -15.74 -13.68
CA GLU C 32 -1.37 -16.75 -14.02
C GLU C 32 -1.00 -18.12 -13.42
N PHE C 33 -1.97 -18.84 -12.87
CA PHE C 33 -1.68 -20.16 -12.29
C PHE C 33 -2.70 -21.23 -12.57
N VAL C 34 -3.90 -20.87 -13.01
CA VAL C 34 -4.85 -21.82 -13.54
C VAL C 34 -5.63 -21.16 -14.65
N ARG C 35 -6.27 -21.96 -15.50
CA ARG C 35 -7.04 -21.49 -16.61
C ARG C 35 -8.02 -22.54 -17.01
N PHE C 36 -9.20 -22.09 -17.42
CA PHE C 36 -10.28 -22.89 -17.97
C PHE C 36 -10.78 -22.24 -19.23
N ASP C 37 -11.05 -23.07 -20.25
CA ASP C 37 -11.50 -22.65 -21.57
C ASP C 37 -12.45 -23.68 -22.17
N SER C 38 -13.68 -23.26 -22.42
CA SER C 38 -14.76 -24.11 -22.86
C SER C 38 -14.56 -24.61 -24.28
N ASP C 39 -13.63 -23.98 -25.01
CA ASP C 39 -13.23 -24.42 -26.35
C ASP C 39 -12.26 -25.63 -26.40
N ALA C 40 -11.58 -25.97 -25.31
CA ALA C 40 -10.68 -27.12 -25.30
C ALA C 40 -11.45 -28.41 -25.65
N GLU C 41 -10.69 -29.43 -26.06
CA GLU C 41 -11.24 -30.76 -26.33
C GLU C 41 -11.99 -31.26 -25.11
N ASN C 42 -11.32 -31.34 -23.96
CA ASN C 42 -12.08 -31.58 -22.72
C ASN C 42 -11.96 -30.39 -21.76
N PRO C 43 -13.04 -29.57 -21.66
CA PRO C 43 -12.85 -28.36 -20.83
C PRO C 43 -12.58 -28.67 -19.35
N ARG C 44 -11.49 -28.15 -18.83
CA ARG C 44 -11.23 -28.29 -17.43
C ARG C 44 -10.30 -27.21 -17.00
N TYR C 45 -10.25 -26.96 -15.72
CA TYR C 45 -9.21 -26.13 -15.18
C TYR C 45 -7.89 -26.89 -15.26
N GLU C 46 -6.79 -26.17 -15.52
CA GLU C 46 -5.48 -26.75 -15.78
C GLU C 46 -4.45 -25.91 -15.09
N PRO C 47 -3.41 -26.52 -14.51
CA PRO C 47 -2.28 -25.73 -14.00
C PRO C 47 -1.52 -24.97 -15.12
N ARG C 48 -0.96 -23.82 -14.73
CA ARG C 48 -0.18 -22.91 -15.56
C ARG C 48 1.09 -22.44 -14.88
N ALA C 49 1.37 -22.88 -13.66
CA ALA C 49 2.70 -22.77 -13.09
C ALA C 49 3.08 -24.13 -12.50
N PRO C 50 4.37 -24.50 -12.54
CA PRO C 50 4.77 -25.81 -11.99
C PRO C 50 4.25 -26.06 -10.56
N TRP C 51 4.44 -25.11 -9.65
CA TRP C 51 4.01 -25.30 -8.23
C TRP C 51 2.55 -25.72 -7.98
N MET C 52 1.67 -25.58 -8.98
CA MET C 52 0.26 -26.01 -8.85
C MET C 52 0.01 -27.45 -9.17
N GLU C 53 1.04 -28.14 -9.68
CA GLU C 53 0.80 -29.53 -10.07
C GLU C 53 0.69 -30.48 -8.87
N GLN C 54 1.20 -30.07 -7.71
CA GLN C 54 1.00 -30.85 -6.50
C GLN C 54 -0.47 -31.08 -6.08
N GLU C 55 -1.45 -30.32 -6.58
CA GLU C 55 -2.85 -30.49 -6.19
C GLU C 55 -3.39 -31.78 -6.80
N GLY C 56 -4.08 -32.54 -5.95
CA GLY C 56 -4.62 -33.81 -6.33
C GLY C 56 -5.71 -33.70 -7.35
N PRO C 57 -6.14 -34.84 -7.90
CA PRO C 57 -7.19 -34.81 -8.89
C PRO C 57 -8.51 -34.22 -8.38
N GLU C 58 -8.77 -34.31 -7.07
CA GLU C 58 -10.10 -33.93 -6.57
C GLU C 58 -10.30 -32.40 -6.60
N TYR C 59 -9.25 -31.67 -6.28
CA TYR C 59 -9.13 -30.22 -6.51
C TYR C 59 -9.52 -29.80 -7.95
N TRP C 60 -8.97 -30.49 -8.96
CA TRP C 60 -9.28 -30.14 -10.36
C TRP C 60 -10.70 -30.40 -10.70
N GLU C 61 -11.25 -31.42 -10.11
CA GLU C 61 -12.61 -31.81 -10.49
C GLU C 61 -13.61 -30.81 -9.91
N ARG C 62 -13.32 -30.34 -8.72
CA ARG C 62 -14.14 -29.37 -8.02
C ARG C 62 -14.08 -28.08 -8.79
N GLU C 63 -12.88 -27.58 -9.01
CA GLU C 63 -12.71 -26.34 -9.79
C GLU C 63 -13.42 -26.42 -11.13
N THR C 64 -13.15 -27.45 -11.89
CA THR C 64 -13.84 -27.61 -13.17
C THR C 64 -15.33 -27.55 -13.05
N GLN C 65 -15.87 -28.12 -11.98
CA GLN C 65 -17.31 -28.10 -11.79
C GLN C 65 -17.89 -26.67 -11.52
N LYS C 66 -17.19 -25.89 -10.68
CA LYS C 66 -17.45 -24.45 -10.50
C LYS C 66 -17.39 -23.69 -11.82
N ALA C 67 -16.34 -23.91 -12.58
CA ALA C 67 -16.28 -23.37 -13.92
C ALA C 67 -17.51 -23.63 -14.76
N LYS C 68 -18.04 -24.84 -14.73
CA LYS C 68 -19.16 -25.20 -15.60
C LYS C 68 -20.47 -24.54 -15.13
N GLY C 69 -20.60 -24.32 -13.84
CA GLY C 69 -21.68 -23.48 -13.36
C GLY C 69 -21.47 -22.01 -13.82
N GLN C 70 -20.25 -21.48 -13.71
CA GLN C 70 -20.02 -20.08 -14.12
C GLN C 70 -20.45 -19.91 -15.58
N GLU C 71 -20.14 -20.93 -16.38
CA GLU C 71 -20.40 -20.89 -17.79
C GLU C 71 -21.87 -20.74 -18.03
N GLN C 72 -22.70 -21.54 -17.35
CA GLN C 72 -24.12 -21.41 -17.49
C GLN C 72 -24.65 -20.08 -16.88
N TRP C 73 -24.10 -19.63 -15.76
CA TRP C 73 -24.47 -18.31 -15.21
C TRP C 73 -24.19 -17.19 -16.24
N PHE C 74 -23.01 -17.23 -16.86
CA PHE C 74 -22.65 -16.24 -17.89
C PHE C 74 -23.55 -16.31 -19.13
N ARG C 75 -23.95 -17.52 -19.48
CA ARG C 75 -24.75 -17.74 -20.67
C ARG C 75 -26.07 -17.12 -20.50
N VAL C 76 -26.66 -17.32 -19.33
CA VAL C 76 -27.98 -16.75 -19.05
C VAL C 76 -27.90 -15.19 -18.91
N SER C 77 -26.85 -14.68 -18.27
CA SER C 77 -26.64 -13.23 -18.13
C SER C 77 -26.47 -12.57 -19.48
N LEU C 78 -25.70 -13.18 -20.40
CA LEU C 78 -25.64 -12.63 -21.79
C LEU C 78 -27.01 -12.46 -22.43
N ARG C 79 -27.89 -13.43 -22.22
CA ARG C 79 -29.24 -13.37 -22.77
C ARG C 79 -30.04 -12.27 -22.13
N ASN C 80 -29.96 -12.17 -20.82
CA ASN C 80 -30.69 -11.11 -20.15
C ASN C 80 -30.21 -9.70 -20.53
N LEU C 81 -28.91 -9.58 -20.71
CA LEU C 81 -28.30 -8.33 -21.09
C LEU C 81 -28.82 -7.80 -22.39
N LEU C 82 -29.04 -8.68 -23.36
CA LEU C 82 -29.59 -8.28 -24.62
C LEU C 82 -30.90 -7.57 -24.45
N GLY C 83 -31.73 -8.08 -23.58
CA GLY C 83 -33.01 -7.45 -23.25
C GLY C 83 -32.86 -6.14 -22.49
N TYR C 84 -31.97 -6.09 -21.51
CA TYR C 84 -31.77 -4.87 -20.72
C TYR C 84 -31.27 -3.74 -21.60
N TYR C 85 -30.46 -4.03 -22.62
CA TYR C 85 -30.03 -2.98 -23.52
C TYR C 85 -30.79 -2.89 -24.85
N ASN C 86 -31.90 -3.60 -24.96
CA ASN C 86 -32.66 -3.62 -26.22
C ASN C 86 -31.80 -3.84 -27.49
N GLN C 87 -30.93 -4.79 -27.38
CA GLN C 87 -30.00 -5.10 -28.44
C GLN C 87 -30.68 -6.21 -29.26
N SER C 88 -30.53 -6.14 -30.55
CA SER C 88 -31.17 -7.19 -31.32
C SER C 88 -30.17 -8.35 -31.49
N ALA C 89 -30.70 -9.46 -32.00
CA ALA C 89 -29.87 -10.57 -32.42
C ALA C 89 -29.02 -10.11 -33.60
N GLY C 90 -27.83 -10.69 -33.75
CA GLY C 90 -26.91 -10.31 -34.85
C GLY C 90 -25.60 -9.62 -34.52
N GLY C 91 -25.31 -9.34 -33.24
CA GLY C 91 -24.05 -8.71 -32.86
C GLY C 91 -23.16 -9.61 -32.05
N SER C 92 -21.98 -9.09 -31.73
CA SER C 92 -21.05 -9.70 -30.82
C SER C 92 -21.09 -9.00 -29.44
N HIS C 93 -21.06 -9.81 -28.38
CA HIS C 93 -21.19 -9.32 -27.03
C HIS C 93 -20.18 -9.95 -26.12
N THR C 94 -19.83 -9.25 -25.04
CA THR C 94 -18.84 -9.67 -24.08
C THR C 94 -19.30 -9.38 -22.65
N LEU C 95 -19.05 -10.31 -21.73
CA LEU C 95 -19.32 -10.11 -20.34
C LEU C 95 -18.13 -10.51 -19.58
N GLN C 96 -17.60 -9.63 -18.73
CA GLN C 96 -16.40 -9.98 -18.00
C GLN C 96 -16.62 -9.81 -16.51
N GLN C 97 -15.77 -10.46 -15.72
CA GLN C 97 -15.84 -10.41 -14.29
C GLN C 97 -14.43 -10.45 -13.73
N MET C 98 -14.16 -9.63 -12.69
CA MET C 98 -12.95 -9.72 -11.88
C MET C 98 -13.32 -9.96 -10.43
N SER C 99 -12.68 -10.93 -9.77
CA SER C 99 -12.88 -11.11 -8.32
C SER C 99 -11.64 -11.55 -7.63
N GLY C 100 -11.54 -11.23 -6.34
CA GLY C 100 -10.34 -11.60 -5.62
C GLY C 100 -10.09 -10.79 -4.39
N CYS C 101 -8.90 -10.97 -3.84
CA CYS C 101 -8.60 -10.38 -2.58
C CYS C 101 -7.18 -9.86 -2.61
N ASP C 102 -6.92 -8.80 -1.85
CA ASP C 102 -5.57 -8.32 -1.60
C ASP C 102 -5.31 -8.57 -0.12
N LEU C 103 -4.11 -9.10 0.16
CA LEU C 103 -3.65 -9.28 1.54
C LEU C 103 -2.57 -8.32 1.81
N GLY C 104 -2.50 -7.80 3.04
CA GLY C 104 -1.35 -7.03 3.46
C GLY C 104 -0.14 -7.93 3.65
N SER C 105 1.04 -7.35 3.87
CA SER C 105 2.26 -8.16 4.11
C SER C 105 2.14 -9.08 5.38
N ASP C 106 1.26 -8.72 6.31
CA ASP C 106 0.89 -9.58 7.46
C ASP C 106 -0.09 -10.70 7.12
N TRP C 107 -0.47 -10.77 5.84
CA TRP C 107 -1.37 -11.80 5.31
C TRP C 107 -2.82 -11.65 5.71
N ARG C 108 -3.18 -10.51 6.31
CA ARG C 108 -4.59 -10.20 6.61
CA ARG C 108 -4.59 -10.20 6.62
C ARG C 108 -5.24 -9.55 5.38
N LEU C 109 -6.54 -9.73 5.25
CA LEU C 109 -7.29 -9.13 4.11
C LEU C 109 -7.21 -7.57 4.12
N LEU C 110 -6.72 -6.96 3.06
CA LEU C 110 -6.88 -5.49 2.89
C LEU C 110 -8.24 -5.14 2.24
N ARG C 111 -8.60 -5.85 1.19
CA ARG C 111 -9.73 -5.47 0.34
C ARG C 111 -10.14 -6.62 -0.56
N GLY C 112 -11.44 -6.78 -0.67
CA GLY C 112 -12.01 -7.73 -1.61
C GLY C 112 -12.52 -6.97 -2.83
N TYR C 113 -12.73 -7.69 -3.94
CA TYR C 113 -13.10 -7.13 -5.22
C TYR C 113 -14.11 -8.04 -5.85
N LEU C 114 -15.08 -7.43 -6.49
CA LEU C 114 -16.03 -8.15 -7.32
C LEU C 114 -16.65 -7.16 -8.30
N GLN C 115 -16.32 -7.28 -9.61
CA GLN C 115 -16.77 -6.35 -10.64
C GLN C 115 -17.14 -7.07 -11.92
N PHE C 116 -18.15 -6.53 -12.59
CA PHE C 116 -18.62 -6.98 -13.86
C PHE C 116 -18.55 -5.87 -14.90
N ALA C 117 -18.26 -6.26 -16.13
CA ALA C 117 -18.33 -5.37 -17.25
C ALA C 117 -19.04 -6.00 -18.41
N TYR C 118 -19.79 -5.18 -19.14
CA TYR C 118 -20.50 -5.59 -20.31
C TYR C 118 -20.00 -4.72 -21.45
N GLU C 119 -19.62 -5.39 -22.53
CA GLU C 119 -19.04 -4.74 -23.72
C GLU C 119 -17.77 -3.98 -23.36
N GLY C 120 -17.06 -4.43 -22.33
CA GLY C 120 -15.83 -3.76 -21.95
C GLY C 120 -16.02 -2.54 -21.07
N ARG C 121 -17.25 -2.31 -20.59
CA ARG C 121 -17.59 -1.20 -19.74
C ARG C 121 -18.23 -1.58 -18.42
N ASP C 122 -18.00 -0.78 -17.40
CA ASP C 122 -18.49 -1.11 -16.03
C ASP C 122 -19.94 -1.29 -16.00
N TYR C 123 -20.40 -2.38 -15.39
CA TYR C 123 -21.81 -2.68 -15.32
C TYR C 123 -22.26 -2.60 -13.89
N ILE C 124 -21.64 -3.36 -13.00
CA ILE C 124 -21.96 -3.29 -11.57
C ILE C 124 -20.74 -3.77 -10.79
N ALA C 125 -20.50 -3.20 -9.64
CA ALA C 125 -19.40 -3.59 -8.82
C ALA C 125 -19.82 -3.61 -7.37
N LEU C 126 -19.20 -4.46 -6.57
CA LEU C 126 -19.47 -4.52 -5.12
C LEU C 126 -18.57 -3.49 -4.48
N ASN C 127 -19.10 -2.68 -3.57
CA ASN C 127 -18.25 -1.64 -2.97
C ASN C 127 -17.31 -2.28 -1.95
N GLU C 128 -16.31 -1.53 -1.56
CA GLU C 128 -15.30 -1.99 -0.61
C GLU C 128 -15.84 -2.42 0.73
N ASP C 129 -17.00 -1.93 1.13
CA ASP C 129 -17.66 -2.44 2.33
C ASP C 129 -18.14 -3.86 2.22
N LEU C 130 -18.29 -4.36 1.00
CA LEU C 130 -18.83 -5.71 0.76
C LEU C 130 -20.32 -5.90 1.09
N LYS C 131 -21.04 -4.79 1.20
CA LYS C 131 -22.50 -4.80 1.49
C LYS C 131 -23.33 -4.09 0.43
N THR C 132 -22.76 -3.08 -0.24
CA THR C 132 -23.53 -2.27 -1.20
C THR C 132 -22.96 -2.38 -2.64
N TRP C 133 -23.80 -2.05 -3.59
CA TRP C 133 -23.46 -2.15 -4.99
C TRP C 133 -23.52 -0.77 -5.67
N THR C 134 -22.54 -0.53 -6.55
CA THR C 134 -22.50 0.58 -7.47
C THR C 134 -22.79 0.09 -8.90
N ALA C 135 -23.75 0.71 -9.56
CA ALA C 135 -24.10 0.48 -10.94
C ALA C 135 -24.50 1.80 -11.57
N ALA C 136 -23.74 2.24 -12.56
CA ALA C 136 -23.96 3.54 -13.17
C ALA C 136 -25.09 3.48 -14.20
N ASP C 137 -25.10 2.53 -15.13
CA ASP C 137 -26.08 2.54 -16.28
C ASP C 137 -27.51 2.44 -15.80
N MET C 138 -28.41 3.07 -16.57
CA MET C 138 -29.85 2.90 -16.27
C MET C 138 -30.27 1.45 -16.39
N ALA C 139 -29.76 0.77 -17.42
CA ALA C 139 -30.06 -0.65 -17.63
C ALA C 139 -29.54 -1.55 -16.54
N ALA C 140 -28.59 -1.09 -15.73
CA ALA C 140 -28.04 -1.91 -14.66
C ALA C 140 -28.84 -1.89 -13.38
N GLN C 141 -29.84 -1.01 -13.30
CA GLN C 141 -30.58 -0.80 -12.08
C GLN C 141 -31.47 -2.01 -11.82
N ILE C 142 -32.02 -2.54 -12.87
CA ILE C 142 -32.72 -3.81 -12.81
C ILE C 142 -31.87 -4.81 -11.98
N THR C 143 -30.58 -4.93 -12.31
CA THR C 143 -29.74 -5.93 -11.64
C THR C 143 -29.44 -5.47 -10.22
N ARG C 144 -29.14 -4.19 -10.04
CA ARG C 144 -28.78 -3.70 -8.73
CA ARG C 144 -28.78 -3.72 -8.73
C ARG C 144 -29.93 -3.85 -7.70
N ARG C 145 -31.17 -3.62 -8.10
CA ARG C 145 -32.32 -3.76 -7.23
C ARG C 145 -32.49 -5.21 -6.86
N LYS C 146 -32.49 -6.09 -7.84
CA LYS C 146 -32.63 -7.49 -7.54
C LYS C 146 -31.55 -7.96 -6.55
N TRP C 147 -30.32 -7.60 -6.78
CA TRP C 147 -29.27 -8.09 -5.90
C TRP C 147 -29.32 -7.44 -4.51
N GLU C 148 -29.63 -6.16 -4.46
CA GLU C 148 -29.87 -5.49 -3.17
C GLU C 148 -30.90 -6.21 -2.30
N GLN C 149 -31.95 -6.76 -2.91
CA GLN C 149 -33.06 -7.46 -2.21
C GLN C 149 -32.83 -8.96 -2.09
N SER C 150 -31.56 -9.39 -2.04
CA SER C 150 -31.29 -10.83 -2.11
C SER C 150 -30.18 -11.34 -1.25
N GLY C 151 -29.40 -10.49 -0.61
CA GLY C 151 -28.18 -11.09 0.02
C GLY C 151 -27.19 -11.87 -0.91
N ALA C 152 -27.16 -11.51 -2.18
CA ALA C 152 -26.05 -11.77 -3.05
C ALA C 152 -24.77 -11.21 -2.43
N ALA C 153 -24.83 -9.98 -1.93
CA ALA C 153 -23.64 -9.40 -1.29
C ALA C 153 -23.10 -10.20 -0.16
N GLU C 154 -23.98 -10.73 0.67
CA GLU C 154 -23.51 -11.56 1.80
C GLU C 154 -22.71 -12.79 1.29
N HIS C 155 -23.23 -13.41 0.22
CA HIS C 155 -22.59 -14.56 -0.43
C HIS C 155 -21.15 -14.24 -0.90
N TYR C 156 -20.95 -13.12 -1.58
CA TYR C 156 -19.60 -12.77 -2.10
C TYR C 156 -18.68 -12.34 -0.97
N LYS C 157 -19.22 -11.61 0.01
CA LYS C 157 -18.44 -11.24 1.18
C LYS C 157 -17.90 -12.49 1.89
N ALA C 158 -18.74 -13.49 2.08
CA ALA C 158 -18.24 -14.74 2.77
C ALA C 158 -17.14 -15.38 1.95
N TYR C 159 -17.32 -15.45 0.62
CA TYR C 159 -16.25 -15.93 -0.27
C TYR C 159 -14.96 -15.15 -0.15
N LEU C 160 -15.07 -13.82 -0.13
CA LEU C 160 -13.89 -12.98 -0.25
C LEU C 160 -13.12 -12.89 1.04
N GLU C 161 -13.85 -12.93 2.13
CA GLU C 161 -13.22 -12.90 3.46
C GLU C 161 -12.79 -14.30 3.93
N GLY C 162 -13.49 -15.35 3.50
CA GLY C 162 -13.21 -16.73 3.91
C GLY C 162 -12.31 -17.47 2.93
N GLU C 163 -12.90 -18.18 1.97
CA GLU C 163 -12.12 -19.01 1.03
C GLU C 163 -11.02 -18.27 0.27
N CYS C 164 -11.34 -17.14 -0.34
CA CYS C 164 -10.34 -16.42 -1.11
C CYS C 164 -9.07 -16.26 -0.29
N VAL C 165 -9.23 -15.91 0.98
CA VAL C 165 -8.07 -15.64 1.86
C VAL C 165 -7.36 -16.96 2.22
N GLU C 166 -8.17 -17.92 2.67
CA GLU C 166 -7.69 -19.20 3.14
C GLU C 166 -6.91 -19.93 2.05
N TRP C 167 -7.51 -20.09 0.87
CA TRP C 167 -6.82 -20.71 -0.25
C TRP C 167 -5.63 -19.91 -0.76
N LEU C 168 -5.68 -18.59 -0.65
CA LEU C 168 -4.52 -17.82 -1.02
C LEU C 168 -3.37 -18.16 -0.10
N HIS C 169 -3.64 -18.25 1.19
CA HIS C 169 -2.61 -18.71 2.15
C HIS C 169 -1.99 -20.08 1.73
N ARG C 170 -2.86 -21.02 1.39
CA ARG C 170 -2.45 -22.34 0.92
C ARG C 170 -1.56 -22.23 -0.29
N TYR C 171 -1.90 -21.34 -1.22
CA TYR C 171 -1.11 -21.19 -2.44
C TYR C 171 0.23 -20.53 -2.15
N LEU C 172 0.26 -19.51 -1.32
CA LEU C 172 1.53 -18.84 -1.04
C LEU C 172 2.56 -19.79 -0.33
N LYS C 173 2.08 -20.69 0.53
CA LYS C 173 2.94 -21.69 1.15
C LYS C 173 3.46 -22.64 0.08
N ASN C 174 2.55 -23.27 -0.65
CA ASN C 174 2.93 -24.20 -1.74
C ASN C 174 3.83 -23.64 -2.83
N GLY C 175 3.76 -22.34 -3.09
CA GLY C 175 4.59 -21.72 -4.13
C GLY C 175 5.59 -20.75 -3.58
N ASN C 176 5.94 -20.91 -2.28
CA ASN C 176 6.78 -19.94 -1.55
C ASN C 176 8.08 -19.62 -2.24
N ALA C 177 8.69 -20.64 -2.85
CA ALA C 177 9.96 -20.47 -3.59
C ALA C 177 9.85 -19.53 -4.81
N THR C 178 8.81 -19.76 -5.63
CA THR C 178 8.67 -19.11 -6.95
C THR C 178 8.08 -17.69 -6.92
N LEU C 179 7.18 -17.41 -5.98
CA LEU C 179 6.38 -16.16 -5.96
C LEU C 179 7.05 -14.94 -5.36
N LEU C 180 7.92 -15.10 -4.37
CA LEU C 180 8.60 -13.96 -3.73
C LEU C 180 9.65 -13.29 -4.63
N ARG C 181 10.20 -14.04 -5.59
CA ARG C 181 11.28 -13.57 -6.48
C ARG C 181 10.93 -12.30 -7.27
N THR C 182 11.84 -11.34 -7.24
CA THR C 182 11.79 -10.18 -8.10
C THR C 182 13.16 -10.06 -8.79
N ASP C 183 13.13 -9.82 -10.11
CA ASP C 183 14.32 -9.55 -10.92
C ASP C 183 14.48 -8.06 -11.08
N SER C 184 15.63 -7.56 -10.69
CA SER C 184 15.89 -6.15 -10.78
C SER C 184 16.21 -5.73 -12.22
N PRO C 185 15.95 -4.48 -12.58
CA PRO C 185 16.28 -4.07 -13.93
C PRO C 185 17.76 -3.91 -14.15
N LYS C 186 18.22 -4.28 -15.34
CA LYS C 186 19.55 -3.96 -15.84
C LYS C 186 19.33 -2.82 -16.84
N ALA C 187 20.03 -1.72 -16.61
CA ALA C 187 19.79 -0.52 -17.33
C ALA C 187 21.05 -0.01 -17.98
N HIS C 188 20.92 0.44 -19.23
CA HIS C 188 21.97 1.13 -19.97
C HIS C 188 21.33 2.24 -20.80
N VAL C 189 22.13 3.18 -21.28
CA VAL C 189 21.64 4.28 -22.10
C VAL C 189 22.30 4.24 -23.44
N THR C 190 21.55 4.51 -24.49
CA THR C 190 22.10 4.50 -25.82
C THR C 190 22.00 5.89 -26.40
N HIS C 191 22.73 6.13 -27.47
CA HIS C 191 22.77 7.42 -28.10
C HIS C 191 22.33 7.34 -29.54
N HIS C 192 21.49 8.27 -29.95
CA HIS C 192 21.03 8.26 -31.32
C HIS C 192 21.11 9.61 -31.96
N PRO C 193 21.66 9.60 -33.22
CA PRO C 193 21.77 10.90 -33.85
C PRO C 193 20.45 11.50 -34.13
N ARG C 194 20.52 12.65 -34.73
CA ARG C 194 19.39 13.44 -35.12
C ARG C 194 20.07 14.52 -35.89
N SER C 195 19.31 15.27 -36.67
CA SER C 195 19.88 16.27 -37.55
C SER C 195 20.23 17.60 -36.87
N LYS C 196 19.20 18.35 -36.49
CA LYS C 196 19.38 19.72 -35.99
C LYS C 196 20.29 19.74 -34.75
N GLY C 197 21.53 19.32 -34.91
CA GLY C 197 22.47 19.44 -33.82
C GLY C 197 21.82 19.01 -32.52
N GLU C 198 20.91 18.06 -32.64
CA GLU C 198 20.21 17.55 -31.49
C GLU C 198 20.42 16.06 -31.47
N VAL C 199 20.02 15.42 -30.39
CA VAL C 199 20.21 14.00 -30.28
C VAL C 199 19.18 13.41 -29.34
N THR C 200 19.09 12.09 -29.38
CA THR C 200 18.17 11.32 -28.57
C THR C 200 18.95 10.42 -27.67
N LEU C 201 18.56 10.39 -26.42
CA LEU C 201 19.18 9.53 -25.47
C LEU C 201 18.05 8.64 -25.03
N ARG C 202 18.30 7.35 -25.03
CA ARG C 202 17.31 6.39 -24.67
C ARG C 202 17.79 5.53 -23.55
N CYS C 203 17.07 5.57 -22.45
CA CYS C 203 17.41 4.78 -21.30
C CYS C 203 16.60 3.48 -21.34
N TRP C 204 17.29 2.35 -21.28
CA TRP C 204 16.66 1.03 -21.34
C TRP C 204 16.62 0.42 -19.96
N ALA C 205 15.54 -0.25 -19.63
CA ALA C 205 15.54 -1.13 -18.46
C ALA C 205 15.13 -2.47 -18.97
N LEU C 206 15.83 -3.53 -18.57
CA LEU C 206 15.59 -4.88 -19.13
C LEU C 206 15.71 -5.94 -18.07
N GLY C 207 15.14 -7.10 -18.36
CA GLY C 207 15.21 -8.25 -17.45
C GLY C 207 14.57 -8.06 -16.06
N PHE C 208 13.59 -7.17 -15.92
CA PHE C 208 12.98 -6.92 -14.61
C PHE C 208 11.63 -7.58 -14.43
N TYR C 209 11.32 -7.87 -13.17
CA TYR C 209 10.03 -8.42 -12.72
C TYR C 209 9.81 -8.02 -11.25
N PRO C 210 8.58 -7.60 -10.86
CA PRO C 210 7.33 -7.46 -11.64
C PRO C 210 7.38 -6.30 -12.61
N ALA C 211 6.32 -6.21 -13.40
CA ALA C 211 6.20 -5.22 -14.48
C ALA C 211 6.27 -3.74 -14.08
N ASP C 212 5.77 -3.38 -12.90
CA ASP C 212 5.72 -1.94 -12.51
C ASP C 212 7.11 -1.38 -12.36
N ILE C 213 7.39 -0.28 -13.00
CA ILE C 213 8.69 0.31 -12.98
C ILE C 213 8.53 1.78 -13.37
N THR C 214 9.53 2.62 -13.14
CA THR C 214 9.44 4.02 -13.56
C THR C 214 10.78 4.50 -14.05
N LEU C 215 10.75 5.31 -15.10
CA LEU C 215 11.97 5.86 -15.70
C LEU C 215 11.78 7.36 -15.75
N THR C 216 12.86 8.07 -15.42
CA THR C 216 12.87 9.50 -15.48
C THR C 216 14.21 9.89 -16.01
N TRP C 217 14.24 11.08 -16.57
CA TRP C 217 15.45 11.71 -16.99
C TRP C 217 15.58 13.01 -16.21
N GLN C 218 16.82 13.47 -16.06
CA GLN C 218 17.14 14.68 -15.33
C GLN C 218 18.26 15.48 -15.96
N LEU C 219 18.04 16.79 -16.08
CA LEU C 219 19.09 17.78 -16.34
C LEU C 219 19.12 18.74 -15.16
N ASN C 220 20.27 18.84 -14.49
CA ASN C 220 20.46 19.77 -13.35
C ASN C 220 19.50 19.46 -12.17
N GLY C 221 19.21 18.18 -11.95
CA GLY C 221 18.17 17.77 -10.98
C GLY C 221 16.72 18.19 -11.26
N GLU C 222 16.33 18.25 -12.54
CA GLU C 222 14.93 18.54 -12.95
C GLU C 222 14.36 17.36 -13.74
N GLU C 223 13.21 16.85 -13.30
CA GLU C 223 12.52 15.77 -14.03
C GLU C 223 11.77 16.32 -15.25
N LEU C 224 11.97 15.71 -16.41
CA LEU C 224 11.42 16.22 -17.66
C LEU C 224 10.07 15.60 -17.99
N THR C 225 9.14 16.42 -18.51
CA THR C 225 7.86 15.93 -19.05
C THR C 225 7.70 16.13 -20.59
N GLN C 226 8.60 16.90 -21.21
CA GLN C 226 8.58 17.15 -22.67
C GLN C 226 9.75 16.42 -23.33
N MET C 228 9.35 14.25 -23.03
CA MET C 228 10.21 13.18 -23.47
C MET C 228 9.29 12.04 -23.90
N GLU C 229 9.84 11.05 -24.60
CA GLU C 229 9.04 9.88 -25.01
C GLU C 229 9.47 8.58 -24.32
N LEU C 230 8.46 7.81 -23.90
CA LEU C 230 8.63 6.46 -23.39
C LEU C 230 7.64 5.47 -24.04
N VAL C 231 7.84 4.17 -23.84
CA VAL C 231 6.93 3.17 -24.37
C VAL C 231 6.25 2.50 -23.21
N GLU C 232 5.17 1.81 -23.50
CA GLU C 232 4.54 1.02 -22.48
C GLU C 232 5.44 -0.17 -22.12
N THR C 233 5.40 -0.55 -20.86
CA THR C 233 6.10 -1.68 -20.35
C THR C 233 5.61 -2.90 -21.11
N ARG C 234 6.56 -3.71 -21.58
CA ARG C 234 6.27 -4.85 -22.48
C ARG C 234 6.98 -6.12 -22.02
N PRO C 235 6.31 -7.27 -22.21
CA PRO C 235 6.93 -8.54 -21.82
C PRO C 235 8.03 -8.96 -22.84
N ALA C 236 9.22 -9.23 -22.33
CA ALA C 236 10.25 -9.88 -23.14
C ALA C 236 9.82 -11.28 -23.61
N GLY C 237 8.92 -11.93 -22.88
CA GLY C 237 8.33 -13.22 -23.26
C GLY C 237 8.93 -14.32 -22.44
N ASP C 238 9.97 -14.02 -21.64
CA ASP C 238 10.62 -15.02 -20.77
C ASP C 238 10.18 -14.87 -19.33
N GLY C 239 9.15 -14.05 -19.07
CA GLY C 239 8.75 -13.69 -17.71
C GLY C 239 9.22 -12.33 -17.24
N THR C 240 10.26 -11.75 -17.83
CA THR C 240 10.75 -10.41 -17.47
C THR C 240 10.15 -9.32 -18.41
N PHE C 241 10.38 -8.05 -18.11
CA PHE C 241 9.74 -6.99 -18.87
C PHE C 241 10.77 -6.04 -19.36
N GLN C 242 10.39 -5.22 -20.33
CA GLN C 242 11.23 -4.14 -20.89
C GLN C 242 10.52 -2.81 -20.80
N LYS C 243 11.29 -1.74 -20.78
CA LYS C 243 10.78 -0.39 -21.00
C LYS C 243 11.95 0.49 -21.32
N TRP C 244 11.70 1.52 -22.13
CA TRP C 244 12.71 2.54 -22.32
C TRP C 244 12.11 3.89 -22.28
N ALA C 245 12.95 4.89 -22.03
CA ALA C 245 12.52 6.29 -22.09
C ALA C 245 13.64 7.12 -22.71
N SER C 246 13.26 8.15 -23.47
CA SER C 246 14.21 8.86 -24.30
C SER C 246 14.06 10.37 -24.22
N VAL C 247 15.17 11.09 -24.37
CA VAL C 247 15.16 12.56 -24.34
C VAL C 247 15.89 13.08 -25.54
N VAL C 248 15.40 14.22 -26.05
CA VAL C 248 16.09 14.95 -27.10
C VAL C 248 16.97 16.03 -26.46
N VAL C 249 18.29 15.91 -26.65
CA VAL C 249 19.26 16.82 -26.03
C VAL C 249 20.18 17.45 -27.06
N PRO C 250 20.52 18.75 -26.88
CA PRO C 250 21.55 19.36 -27.74
C PRO C 250 22.86 18.60 -27.61
N LEU C 251 23.59 18.46 -28.72
CA LEU C 251 24.79 17.62 -28.75
C LEU C 251 25.89 18.31 -27.98
N GLY C 252 26.70 17.52 -27.27
CA GLY C 252 27.81 17.97 -26.45
C GLY C 252 27.39 18.07 -24.99
N LYS C 253 26.07 18.02 -24.76
CA LYS C 253 25.47 18.21 -23.43
C LYS C 253 24.99 16.88 -22.86
N GLU C 254 25.53 15.77 -23.40
CA GLU C 254 25.07 14.44 -23.04
C GLU C 254 25.43 14.11 -21.60
N GLN C 255 26.60 14.57 -21.16
CA GLN C 255 27.05 14.32 -19.78
C GLN C 255 26.20 15.02 -18.72
N ASN C 256 25.46 16.05 -19.10
CA ASN C 256 24.55 16.73 -18.15
C ASN C 256 23.33 15.91 -17.74
N TYR C 257 22.76 15.19 -18.71
CA TYR C 257 21.52 14.46 -18.51
C TYR C 257 21.74 13.09 -17.88
N THR C 258 20.91 12.76 -16.88
CA THR C 258 20.95 11.47 -16.19
C THR C 258 19.55 10.84 -16.07
N CYS C 259 19.53 9.52 -16.27
CA CYS C 259 18.34 8.71 -16.22
C CYS C 259 18.30 7.93 -14.91
N ARG C 260 17.10 7.83 -14.32
CA ARG C 260 16.93 7.06 -13.10
C ARG C 260 15.87 5.97 -13.21
N VAL C 261 16.14 4.83 -12.61
CA VAL C 261 15.29 3.65 -12.69
C VAL C 261 14.80 3.28 -11.28
N TYR C 262 13.47 3.20 -11.11
CA TYR C 262 12.84 2.89 -9.83
C TYR C 262 12.06 1.59 -9.99
N HIS C 263 12.35 0.63 -9.12
CA HIS C 263 11.76 -0.67 -9.17
C HIS C 263 11.91 -1.35 -7.81
N GLU C 264 10.87 -2.00 -7.37
CA GLU C 264 10.85 -2.50 -6.01
C GLU C 264 11.96 -3.50 -5.70
N GLY C 265 12.35 -4.26 -6.70
CA GLY C 265 13.48 -5.18 -6.62
C GLY C 265 14.84 -4.52 -6.41
N LEU C 266 14.94 -3.20 -6.58
CA LEU C 266 16.18 -2.54 -6.39
C LEU C 266 16.38 -2.18 -4.92
N PRO C 267 17.61 -2.36 -4.40
CA PRO C 267 17.92 -1.76 -3.12
C PRO C 267 17.63 -0.26 -3.14
N GLU C 268 18.13 0.43 -4.17
CA GLU C 268 17.81 1.83 -4.34
C GLU C 268 17.69 2.14 -5.84
N PRO C 269 17.16 3.32 -6.19
CA PRO C 269 17.09 3.67 -7.59
C PRO C 269 18.43 3.76 -8.30
N LEU C 270 18.49 3.28 -9.56
CA LEU C 270 19.70 3.39 -10.38
C LEU C 270 19.81 4.76 -10.96
N THR C 271 21.04 5.15 -11.22
CA THR C 271 21.36 6.39 -11.90
C THR C 271 22.40 6.09 -12.96
N LEU C 272 22.12 6.53 -14.18
CA LEU C 272 22.98 6.31 -15.32
C LEU C 272 23.07 7.60 -16.09
N ARG C 273 24.06 7.67 -16.96
CA ARG C 273 24.22 8.77 -17.88
C ARG C 273 24.72 8.16 -19.18
N TRP C 274 24.65 8.92 -20.27
CA TRP C 274 25.23 8.46 -21.54
C TRP C 274 26.72 8.19 -21.33
N GLU C 275 27.19 7.05 -21.80
CA GLU C 275 28.59 6.69 -21.68
C GLU C 275 29.21 6.49 -23.06
N PRO C 276 30.01 7.48 -23.52
CA PRO C 276 30.79 7.29 -24.75
C PRO C 276 31.77 6.11 -24.61
N ILE D 1 -18.73 -0.45 -27.51
CA ILE D 1 -17.85 0.20 -28.59
C ILE D 1 -16.44 -0.37 -28.55
N GLN D 2 -15.73 -0.11 -29.62
CA GLN D 2 -14.44 -0.69 -29.83
C GLN D 2 -13.29 0.13 -29.30
N LYS D 3 -12.22 -0.58 -28.91
CA LYS D 3 -10.98 0.05 -28.53
C LYS D 3 -9.90 -0.44 -29.49
N THR D 4 -9.11 0.54 -29.99
CA THR D 4 -8.08 0.32 -30.96
C THR D 4 -6.76 -0.25 -30.40
N PRO D 5 -6.26 -1.33 -31.00
CA PRO D 5 -5.03 -1.93 -30.55
C PRO D 5 -3.86 -1.00 -30.62
N GLN D 6 -3.08 -0.98 -29.56
CA GLN D 6 -1.76 -0.45 -29.56
C GLN D 6 -0.80 -1.60 -29.80
N ILE D 7 0.16 -1.34 -30.68
CA ILE D 7 1.08 -2.35 -31.14
C ILE D 7 2.51 -1.94 -30.86
N GLN D 8 3.29 -2.85 -30.30
CA GLN D 8 4.75 -2.73 -30.32
C GLN D 8 5.40 -3.97 -30.91
N VAL D 9 6.36 -3.75 -31.79
CA VAL D 9 7.20 -4.80 -32.36
C VAL D 9 8.60 -4.60 -31.88
N TYR D 10 9.19 -5.65 -31.30
CA TYR D 10 10.51 -5.51 -30.71
C TYR D 10 11.03 -6.92 -30.43
N SER D 11 12.35 -7.00 -30.20
CA SER D 11 13.01 -8.27 -30.03
C SER D 11 13.21 -8.52 -28.54
N ARG D 12 13.12 -9.80 -28.14
CA ARG D 12 13.39 -10.23 -26.74
C ARG D 12 14.77 -9.86 -26.28
N HIS D 13 15.78 -10.12 -27.09
CA HIS D 13 17.19 -9.75 -26.75
C HIS D 13 17.62 -8.60 -27.62
N PRO D 14 18.64 -7.84 -27.18
CA PRO D 14 19.18 -6.76 -28.03
C PRO D 14 19.71 -7.34 -29.35
N PRO D 15 19.28 -6.75 -30.47
CA PRO D 15 19.52 -7.40 -31.73
C PRO D 15 21.02 -7.36 -32.15
N GLU D 16 21.48 -8.48 -32.70
CA GLU D 16 22.82 -8.60 -33.31
C GLU D 16 22.61 -9.27 -34.67
N ASN D 17 23.02 -8.63 -35.76
CA ASN D 17 22.83 -9.25 -37.07
C ASN D 17 23.47 -10.64 -37.07
N GLY D 18 22.75 -11.61 -37.62
CA GLY D 18 23.23 -12.99 -37.69
C GLY D 18 22.96 -13.90 -36.49
N LYS D 19 22.63 -13.33 -35.32
CA LYS D 19 22.39 -14.13 -34.10
C LYS D 19 20.90 -14.40 -33.92
N PRO D 20 20.48 -15.70 -33.82
CA PRO D 20 19.07 -16.08 -33.56
C PRO D 20 18.44 -15.34 -32.37
N ASN D 21 17.16 -15.06 -32.50
CA ASN D 21 16.52 -14.16 -31.59
C ASN D 21 15.03 -14.44 -31.64
N ILE D 22 14.28 -13.64 -30.90
CA ILE D 22 12.83 -13.78 -30.85
C ILE D 22 12.25 -12.41 -31.16
N LEU D 23 11.30 -12.36 -32.06
CA LEU D 23 10.63 -11.12 -32.39
C LEU D 23 9.23 -11.21 -31.77
N ASN D 24 8.87 -10.14 -31.06
CA ASN D 24 7.58 -10.02 -30.37
C ASN D 24 6.74 -8.97 -30.99
N CYS D 25 5.45 -9.25 -31.05
CA CYS D 25 4.44 -8.27 -31.39
C CYS D 25 3.46 -8.28 -30.22
N TYR D 26 3.45 -7.18 -29.49
CA TYR D 26 2.66 -7.06 -28.26
C TYR D 26 1.55 -6.13 -28.61
N VAL D 27 0.33 -6.63 -28.51
CA VAL D 27 -0.89 -5.93 -28.93
C VAL D 27 -1.82 -5.82 -27.73
N THR D 28 -2.17 -4.58 -27.38
CA THR D 28 -2.82 -4.29 -26.14
C THR D 28 -3.98 -3.31 -26.32
N GLN D 29 -4.78 -3.16 -25.26
CA GLN D 29 -5.82 -2.12 -25.17
C GLN D 29 -6.94 -2.27 -26.22
N PHE D 30 -7.32 -3.48 -26.61
CA PHE D 30 -8.32 -3.63 -27.64
C PHE D 30 -9.62 -4.25 -27.13
N HIS D 31 -10.70 -4.00 -27.88
CA HIS D 31 -11.98 -4.59 -27.63
C HIS D 31 -12.76 -4.49 -28.90
N PRO D 32 -13.42 -5.56 -29.33
CA PRO D 32 -13.60 -6.86 -28.69
C PRO D 32 -12.37 -7.78 -28.81
N PRO D 33 -12.40 -8.97 -28.16
CA PRO D 33 -11.23 -9.80 -28.02
C PRO D 33 -10.79 -10.61 -29.27
N HIS D 34 -11.69 -10.77 -30.23
CA HIS D 34 -11.34 -11.30 -31.54
C HIS D 34 -10.34 -10.40 -32.30
N ILE D 35 -9.26 -10.98 -32.76
CA ILE D 35 -8.18 -10.25 -33.42
C ILE D 35 -7.37 -11.25 -34.24
N GLU D 36 -6.85 -10.79 -35.40
CA GLU D 36 -5.84 -11.53 -36.17
C GLU D 36 -4.48 -10.80 -36.20
N ILE D 37 -3.44 -11.56 -35.96
CA ILE D 37 -2.09 -11.05 -35.97
C ILE D 37 -1.21 -11.88 -36.93
N GLN D 38 -0.57 -11.23 -37.90
CA GLN D 38 0.42 -11.89 -38.74
C GLN D 38 1.76 -11.24 -38.47
N MET D 39 2.81 -12.03 -38.39
CA MET D 39 4.16 -11.50 -38.39
C MET D 39 4.80 -11.73 -39.75
N LEU D 40 5.54 -10.72 -40.21
CA LEU D 40 5.99 -10.65 -41.61
C LEU D 40 7.51 -10.50 -41.73
N LYS D 41 8.13 -11.30 -42.61
CA LYS D 41 9.54 -11.11 -43.02
C LYS D 41 9.55 -10.80 -44.48
N ASN D 42 10.14 -9.67 -44.83
CA ASN D 42 10.19 -9.18 -46.22
C ASN D 42 8.90 -9.30 -47.01
N GLY D 43 7.79 -9.01 -46.32
CA GLY D 43 6.42 -9.11 -46.87
C GLY D 43 5.74 -10.49 -46.77
N LYS D 44 6.49 -11.52 -46.39
CA LYS D 44 5.97 -12.89 -46.29
C LYS D 44 5.66 -13.31 -44.85
N LYS D 45 4.47 -13.91 -44.67
CA LYS D 45 4.03 -14.52 -43.40
C LYS D 45 5.10 -15.45 -42.86
N ILE D 46 5.47 -15.27 -41.60
CA ILE D 46 6.43 -16.15 -40.93
C ILE D 46 5.69 -17.40 -40.49
N PRO D 47 6.28 -18.60 -40.70
CA PRO D 47 5.48 -19.85 -40.58
C PRO D 47 4.86 -20.27 -39.20
N LYS D 48 5.65 -20.31 -38.13
CA LYS D 48 5.14 -20.78 -36.82
C LYS D 48 5.21 -19.63 -35.85
N VAL D 49 4.11 -18.92 -35.75
CA VAL D 49 4.01 -17.82 -34.84
C VAL D 49 3.19 -18.28 -33.66
N GLU D 50 3.79 -18.21 -32.46
CA GLU D 50 3.13 -18.64 -31.22
C GLU D 50 2.38 -17.41 -30.66
N MET D 51 1.17 -17.68 -30.17
CA MET D 51 0.20 -16.68 -29.78
C MET D 51 -0.16 -16.96 -28.30
N SER D 52 0.01 -16.00 -27.43
CA SER D 52 -0.36 -16.19 -26.06
C SER D 52 -1.85 -16.36 -25.94
N ASP D 53 -2.31 -16.79 -24.79
CA ASP D 53 -3.74 -16.98 -24.59
C ASP D 53 -4.44 -15.69 -24.25
N MET D 54 -5.72 -15.66 -24.53
CA MET D 54 -6.56 -14.51 -24.31
C MET D 54 -6.46 -14.04 -22.88
N SER D 55 -6.10 -12.79 -22.69
CA SER D 55 -6.13 -12.22 -21.37
C SER D 55 -6.66 -10.81 -21.40
N PHE D 56 -7.14 -10.35 -20.26
CA PHE D 56 -7.55 -8.97 -20.17
C PHE D 56 -6.99 -8.24 -18.99
N SER D 57 -6.98 -6.93 -19.12
CA SER D 57 -6.41 -6.09 -18.10
C SER D 57 -7.42 -5.56 -17.13
N LYS D 58 -6.91 -4.87 -16.12
CA LYS D 58 -7.72 -4.30 -15.09
C LYS D 58 -8.72 -3.29 -15.62
N ASP D 59 -8.42 -2.69 -16.75
CA ASP D 59 -9.31 -1.74 -17.34
C ASP D 59 -10.28 -2.39 -18.28
N TRP D 60 -10.27 -3.71 -18.28
CA TRP D 60 -11.18 -4.56 -19.06
C TRP D 60 -10.71 -4.82 -20.46
N SER D 61 -9.68 -4.15 -20.91
CA SER D 61 -9.25 -4.32 -22.28
C SER D 61 -8.33 -5.55 -22.42
N PHE D 62 -8.42 -6.18 -23.57
CA PHE D 62 -7.66 -7.35 -23.94
C PHE D 62 -6.28 -7.10 -24.49
N TYR D 63 -5.41 -8.08 -24.36
CA TYR D 63 -4.06 -8.01 -24.84
C TYR D 63 -3.52 -9.37 -25.27
N ILE D 64 -2.51 -9.34 -26.12
CA ILE D 64 -1.89 -10.55 -26.62
C ILE D 64 -0.43 -10.33 -26.96
N LEU D 65 0.35 -11.39 -26.82
CA LEU D 65 1.76 -11.38 -27.23
C LEU D 65 1.95 -12.44 -28.29
N ALA D 66 2.37 -12.02 -29.50
CA ALA D 66 2.75 -12.97 -30.54
C ALA D 66 4.23 -12.93 -30.64
N HIS D 67 4.85 -14.09 -30.87
CA HIS D 67 6.27 -14.16 -31.06
C HIS D 67 6.74 -15.27 -32.03
N THR D 68 7.88 -14.99 -32.64
CA THR D 68 8.52 -16.00 -33.45
C THR D 68 10.02 -15.88 -33.44
N GLU D 69 10.66 -17.01 -33.68
CA GLU D 69 12.08 -17.02 -33.94
C GLU D 69 12.42 -16.21 -35.21
N PHE D 70 13.56 -15.55 -35.18
CA PHE D 70 14.08 -14.84 -36.33
C PHE D 70 15.57 -14.58 -36.08
N THR D 71 16.29 -14.28 -37.17
CA THR D 71 17.70 -13.89 -37.13
C THR D 71 17.85 -12.58 -37.90
N PRO D 72 18.08 -11.46 -37.21
CA PRO D 72 18.15 -10.19 -37.94
C PRO D 72 19.37 -10.07 -38.86
N THR D 73 19.21 -9.34 -39.97
CA THR D 73 20.28 -8.97 -40.91
C THR D 73 20.23 -7.48 -41.13
N GLU D 74 21.18 -6.93 -41.87
CA GLU D 74 21.15 -5.49 -42.14
C GLU D 74 19.90 -5.06 -42.97
N THR D 75 19.47 -5.91 -43.90
CA THR D 75 18.50 -5.50 -44.95
C THR D 75 17.06 -6.09 -44.90
N ASP D 76 16.90 -7.16 -44.10
CA ASP D 76 15.58 -7.77 -43.85
C ASP D 76 14.67 -6.83 -43.06
N THR D 77 13.42 -6.69 -43.50
CA THR D 77 12.45 -5.96 -42.74
C THR D 77 11.49 -6.94 -42.12
N TYR D 78 11.09 -6.60 -40.91
CA TYR D 78 10.11 -7.38 -40.17
C TYR D 78 8.96 -6.47 -39.76
N ALA D 79 7.77 -7.02 -39.79
CA ALA D 79 6.57 -6.28 -39.43
C ALA D 79 5.58 -7.18 -38.72
N CYS D 80 4.59 -6.52 -38.16
CA CYS D 80 3.46 -7.15 -37.53
C CYS D 80 2.25 -6.46 -38.13
N ARG D 81 1.33 -7.23 -38.68
CA ARG D 81 0.15 -6.71 -39.32
C ARG D 81 -1.02 -7.23 -38.52
N VAL D 82 -1.91 -6.34 -38.14
CA VAL D 82 -2.95 -6.61 -37.21
C VAL D 82 -4.29 -6.24 -37.77
N LYS D 83 -5.22 -7.18 -37.77
CA LYS D 83 -6.60 -6.93 -38.22
C LYS D 83 -7.56 -7.01 -37.04
N HIS D 84 -8.36 -5.98 -36.91
CA HIS D 84 -9.28 -5.85 -35.78
C HIS D 84 -10.48 -5.03 -36.20
N ASP D 85 -11.62 -5.34 -35.60
CA ASP D 85 -12.90 -4.71 -35.97
C ASP D 85 -12.98 -3.22 -35.82
N SER D 86 -12.14 -2.65 -34.97
CA SER D 86 -12.08 -1.21 -34.78
C SER D 86 -11.24 -0.48 -35.83
N MET D 87 -10.72 -1.18 -36.84
CA MET D 87 -9.98 -0.54 -37.93
C MET D 87 -10.49 -1.12 -39.23
N ALA D 88 -10.81 -0.24 -40.17
CA ALA D 88 -11.33 -0.69 -41.47
C ALA D 88 -10.34 -1.56 -42.18
N GLU D 89 -9.06 -1.17 -42.07
CA GLU D 89 -7.96 -1.84 -42.74
C GLU D 89 -6.93 -2.30 -41.73
N PRO D 90 -6.29 -3.45 -42.02
CA PRO D 90 -5.17 -3.93 -41.19
C PRO D 90 -4.08 -2.91 -41.01
N LYS D 91 -3.43 -2.96 -39.84
CA LYS D 91 -2.47 -1.96 -39.44
C LYS D 91 -1.16 -2.66 -39.36
N THR D 92 -0.19 -2.15 -40.11
CA THR D 92 1.16 -2.72 -40.17
C THR D 92 2.06 -1.85 -39.35
N VAL D 93 2.97 -2.47 -38.59
CA VAL D 93 3.95 -1.72 -37.80
C VAL D 93 5.25 -2.44 -38.03
N TYR D 94 6.29 -1.68 -38.42
CA TYR D 94 7.60 -2.20 -38.81
C TYR D 94 8.53 -2.28 -37.62
N TRP D 95 9.32 -3.34 -37.59
CA TRP D 95 10.39 -3.44 -36.55
C TRP D 95 11.48 -2.38 -36.75
N ASP D 96 11.72 -1.62 -35.71
CA ASP D 96 12.80 -0.69 -35.65
C ASP D 96 13.70 -1.21 -34.53
N ARG D 97 14.92 -1.57 -34.89
CA ARG D 97 15.88 -2.14 -33.97
C ARG D 97 16.30 -1.26 -32.82
N ASP D 98 16.14 0.03 -32.94
CA ASP D 98 16.50 0.92 -31.84
C ASP D 98 15.32 1.30 -30.96
N MET D 99 14.26 0.50 -30.99
CA MET D 99 13.09 0.79 -30.19
C MET D 99 12.37 -0.43 -29.64
N PHE E 1 14.38 16.75 6.63
CA PHE E 1 14.29 18.12 6.07
C PHE E 1 12.89 18.66 6.29
N ALA E 2 12.79 19.58 7.24
CA ALA E 2 11.53 20.16 7.69
C ALA E 2 10.89 21.06 6.69
N PRO E 3 9.56 21.22 6.80
CA PRO E 3 8.90 22.14 5.91
C PRO E 3 8.93 23.52 6.49
N GLY E 4 8.77 24.50 5.61
CA GLY E 4 8.55 25.88 5.99
C GLY E 4 7.21 26.30 5.45
N ASN E 5 6.36 26.81 6.31
CA ASN E 5 5.01 27.03 5.88
C ASN E 5 4.93 28.23 4.99
N TYR E 6 3.94 28.22 4.10
CA TYR E 6 3.66 29.33 3.23
C TYR E 6 3.38 30.56 4.08
N PRO E 7 4.14 31.65 3.87
CA PRO E 7 3.92 32.85 4.66
C PRO E 7 2.48 33.27 4.59
N PHE F 1 -8.72 -21.08 -5.99
CA PHE F 1 -10.10 -21.43 -5.55
C PHE F 1 -11.10 -20.42 -6.13
N ALA F 2 -11.72 -20.82 -7.23
CA ALA F 2 -12.54 -19.93 -8.04
C ALA F 2 -13.89 -19.67 -7.37
N PRO F 3 -14.49 -18.50 -7.63
CA PRO F 3 -15.74 -18.16 -6.99
C PRO F 3 -16.86 -18.82 -7.68
N GLY F 4 -17.98 -18.92 -6.99
CA GLY F 4 -19.21 -19.39 -7.57
C GLY F 4 -20.20 -18.27 -7.42
N ASN F 5 -20.76 -17.80 -8.53
CA ASN F 5 -21.63 -16.65 -8.49
C ASN F 5 -22.92 -17.00 -7.77
N TYR F 6 -23.55 -15.99 -7.23
CA TYR F 6 -24.73 -16.17 -6.44
C TYR F 6 -25.81 -16.60 -7.40
N PRO F 7 -26.50 -17.74 -7.12
CA PRO F 7 -27.43 -18.25 -8.13
C PRO F 7 -28.53 -17.25 -8.43
N GLY G 1 -28.53 -14.70 -11.89
CA GLY G 1 -27.72 -14.01 -12.96
C GLY G 1 -27.91 -12.51 -12.95
N LEU G 2 -27.21 -11.84 -13.88
CA LEU G 2 -27.38 -10.37 -14.04
C LEU G 2 -28.85 -10.05 -14.36
N GLY H 1 -0.12 32.34 7.32
CA GLY H 1 -0.76 31.87 8.56
C GLY H 1 -2.19 31.40 8.30
N LEU H 2 -2.80 30.80 9.33
CA LEU H 2 -4.19 30.39 9.25
C LEU H 2 -5.08 31.63 9.16
#